data_4U5H
#
_entry.id   4U5H
#
_cell.length_a   42.910
_cell.length_b   144.860
_cell.length_c   48.600
_cell.angle_alpha   90.000
_cell.angle_beta   94.630
_cell.angle_gamma   90.000
#
_symmetry.space_group_name_H-M   'P 1 21 1'
#
loop_
_entity.id
_entity.type
_entity.pdbx_description
1 polymer Con-ikot-ikot
2 water water
#
_entity_poly.entity_id   1
_entity_poly.type   'polypeptide(L)'
_entity_poly.pdbx_seq_one_letter_code
;GPGSSGPADCCRMKECCTDRVNECLQRYSGREDKFVSFCYQEATVTCGSFNEIVGCCYGYQMCMIRVVKPNSLSGAHEAC
KTVSCGNPCA
;
_entity_poly.pdbx_strand_id   A,B,C,D,E,F,G,H
#
# COMPACT_ATOMS: atom_id res chain seq x y z
N GLY A 6 -10.48 5.45 -14.02
CA GLY A 6 -11.66 6.08 -13.45
C GLY A 6 -11.53 6.26 -11.95
N PRO A 7 -11.89 7.46 -11.47
CA PRO A 7 -11.72 7.69 -10.03
C PRO A 7 -12.75 6.98 -9.17
N ALA A 8 -12.34 6.53 -8.00
CA ALA A 8 -13.23 5.88 -7.05
C ALA A 8 -13.91 6.93 -6.17
N ASP A 9 -15.05 6.56 -5.61
CA ASP A 9 -15.77 7.44 -4.71
C ASP A 9 -16.50 6.59 -3.68
N CYS A 10 -16.29 6.88 -2.40
CA CYS A 10 -16.84 6.02 -1.36
C CYS A 10 -18.38 6.13 -1.23
N CYS A 11 -18.95 7.28 -1.58
CA CYS A 11 -20.41 7.38 -1.61
C CYS A 11 -21.01 6.53 -2.72
N ARG A 12 -20.45 6.65 -3.93
CA ARG A 12 -20.90 5.83 -5.06
C ARG A 12 -20.65 4.36 -4.76
N MET A 13 -19.52 4.08 -4.14
CA MET A 13 -19.20 2.71 -3.76
C MET A 13 -20.23 2.15 -2.78
N LYS A 14 -20.60 2.92 -1.77
CA LYS A 14 -21.57 2.45 -0.78
C LYS A 14 -22.95 2.21 -1.42
N GLU A 15 -23.40 3.16 -2.23
CA GLU A 15 -24.70 3.02 -2.87
C GLU A 15 -24.73 1.81 -3.79
N CYS A 16 -23.65 1.66 -4.56
CA CYS A 16 -23.50 0.49 -5.43
C CYS A 16 -23.55 -0.77 -4.59
N CYS A 17 -22.82 -0.76 -3.48
CA CYS A 17 -22.67 -1.94 -2.63
C CYS A 17 -24.01 -2.44 -2.09
N THR A 18 -24.75 -1.54 -1.46
CA THR A 18 -26.02 -1.92 -0.86
C THR A 18 -27.05 -2.28 -1.93
N ASP A 19 -27.05 -1.52 -3.03
CA ASP A 19 -27.91 -1.83 -4.17
C ASP A 19 -27.67 -3.25 -4.68
N ARG A 20 -26.39 -3.59 -4.90
CA ARG A 20 -26.03 -4.89 -5.46
C ARG A 20 -26.32 -6.03 -4.50
N VAL A 21 -26.07 -5.83 -3.20
CA VAL A 21 -26.39 -6.87 -2.24
C VAL A 21 -27.89 -7.14 -2.22
N ASN A 22 -28.68 -6.06 -2.21
CA ASN A 22 -30.14 -6.22 -2.25
C ASN A 22 -30.60 -6.96 -3.50
N GLU A 23 -30.12 -6.52 -4.66
CA GLU A 23 -30.47 -7.14 -5.93
C GLU A 23 -30.07 -8.61 -5.97
N CYS A 24 -28.89 -8.92 -5.44
CA CYS A 24 -28.38 -10.28 -5.39
C CYS A 24 -29.26 -11.16 -4.50
N LEU A 25 -29.60 -10.65 -3.32
CA LEU A 25 -30.42 -11.40 -2.37
C LEU A 25 -31.83 -11.60 -2.89
N GLN A 26 -32.28 -10.74 -3.80
CA GLN A 26 -33.59 -10.93 -4.44
C GLN A 26 -33.64 -12.21 -5.30
N ARG A 27 -32.48 -12.76 -5.65
CA ARG A 27 -32.46 -14.02 -6.40
C ARG A 27 -32.68 -15.23 -5.52
N TYR A 28 -32.51 -15.05 -4.21
CA TYR A 28 -32.57 -16.15 -3.25
C TYR A 28 -33.79 -16.20 -2.33
N SER A 29 -34.95 -15.82 -2.87
CA SER A 29 -36.18 -15.70 -2.07
C SER A 29 -36.41 -16.90 -1.16
N GLY A 30 -36.65 -16.60 0.12
CA GLY A 30 -36.87 -17.64 1.11
C GLY A 30 -35.61 -18.17 1.78
N ARG A 31 -34.46 -18.01 1.14
CA ARG A 31 -33.18 -18.44 1.71
C ARG A 31 -32.12 -17.35 1.95
N GLU A 32 -32.54 -16.09 1.93
CA GLU A 32 -31.64 -14.93 1.90
C GLU A 32 -30.50 -14.95 2.94
N ASP A 33 -30.83 -15.48 4.13
CA ASP A 33 -29.88 -15.52 5.24
C ASP A 33 -28.63 -16.33 4.90
N LYS A 34 -28.80 -17.34 4.05
CA LYS A 34 -27.68 -18.18 3.66
C LYS A 34 -26.78 -17.50 2.64
N PHE A 35 -27.32 -16.49 1.97
CA PHE A 35 -26.61 -15.86 0.86
C PHE A 35 -26.09 -14.45 1.12
N VAL A 36 -26.28 -13.93 2.33
CA VAL A 36 -25.80 -12.57 2.61
C VAL A 36 -24.29 -12.33 2.31
N SER A 37 -23.40 -13.14 2.88
CA SER A 37 -21.95 -12.96 2.67
C SER A 37 -21.54 -13.15 1.20
N PHE A 38 -22.12 -14.15 0.55
CA PHE A 38 -21.85 -14.41 -0.85
C PHE A 38 -22.28 -13.20 -1.72
N CYS A 39 -23.47 -12.66 -1.44
CA CYS A 39 -23.95 -11.52 -2.21
C CYS A 39 -23.08 -10.31 -1.92
N TYR A 40 -22.51 -10.26 -0.71
CA TYR A 40 -21.60 -9.17 -0.36
C TYR A 40 -20.31 -9.32 -1.18
N GLN A 41 -19.90 -10.57 -1.43
CA GLN A 41 -18.73 -10.82 -2.26
C GLN A 41 -19.01 -10.37 -3.70
N GLU A 42 -20.22 -10.66 -4.18
CA GLU A 42 -20.64 -10.26 -5.52
C GLU A 42 -20.65 -8.73 -5.63
N ALA A 43 -21.18 -8.08 -4.61
CA ALA A 43 -21.26 -6.62 -4.61
C ALA A 43 -19.86 -6.02 -4.56
N THR A 44 -18.97 -6.64 -3.79
CA THR A 44 -17.61 -6.12 -3.66
C THR A 44 -16.87 -6.24 -4.99
N VAL A 45 -17.09 -7.34 -5.70
CA VAL A 45 -16.44 -7.54 -6.99
C VAL A 45 -17.01 -6.54 -8.02
N THR A 46 -18.31 -6.29 -7.94
CA THR A 46 -18.98 -5.44 -8.93
C THR A 46 -18.69 -3.96 -8.70
N CYS A 47 -18.75 -3.54 -7.45
CA CYS A 47 -18.61 -2.14 -7.07
C CYS A 47 -17.19 -1.70 -6.77
N GLY A 48 -16.30 -2.67 -6.54
CA GLY A 48 -14.95 -2.36 -6.12
C GLY A 48 -14.85 -2.17 -4.61
N SER A 49 -13.63 -2.03 -4.12
CA SER A 49 -13.37 -1.79 -2.70
C SER A 49 -11.99 -1.16 -2.54
N PHE A 50 -11.76 -0.52 -1.40
CA PHE A 50 -10.42 -0.01 -1.10
C PHE A 50 -9.59 -1.05 -0.34
N ASN A 51 -10.29 -2.03 0.24
CA ASN A 51 -9.64 -3.21 0.82
C ASN A 51 -10.57 -4.39 0.52
N GLU A 52 -10.06 -5.37 -0.22
CA GLU A 52 -10.91 -6.44 -0.73
C GLU A 52 -11.48 -7.35 0.35
N ILE A 53 -10.75 -7.46 1.46
CA ILE A 53 -11.21 -8.23 2.61
C ILE A 53 -12.35 -7.49 3.32
N VAL A 54 -12.25 -6.17 3.36
CA VAL A 54 -13.26 -5.34 3.99
C VAL A 54 -14.51 -5.27 3.13
N GLY A 55 -14.30 -5.16 1.83
CA GLY A 55 -15.39 -5.09 0.88
C GLY A 55 -15.96 -3.69 0.73
N CYS A 56 -17.07 -3.58 0.02
CA CYS A 56 -17.56 -2.27 -0.40
C CYS A 56 -18.37 -1.53 0.66
N CYS A 57 -18.90 -2.25 1.65
CA CYS A 57 -19.39 -1.60 2.87
C CYS A 57 -19.51 -2.61 4.02
N TYR A 58 -18.54 -2.63 4.92
CA TYR A 58 -18.43 -3.71 5.91
C TYR A 58 -19.58 -3.67 6.92
N GLY A 59 -19.90 -2.47 7.38
CA GLY A 59 -20.97 -2.28 8.34
C GLY A 59 -22.31 -2.78 7.81
N TYR A 60 -22.54 -2.57 6.52
CA TYR A 60 -23.78 -3.04 5.90
C TYR A 60 -23.81 -4.56 5.86
N GLN A 61 -22.68 -5.18 5.52
CA GLN A 61 -22.63 -6.64 5.55
C GLN A 61 -22.98 -7.17 6.93
N MET A 62 -22.35 -6.62 7.96
CA MET A 62 -22.60 -7.15 9.30
C MET A 62 -24.05 -6.90 9.74
N CYS A 63 -24.58 -5.73 9.38
CA CYS A 63 -25.97 -5.42 9.69
C CYS A 63 -26.91 -6.42 9.02
N MET A 64 -26.65 -6.72 7.75
CA MET A 64 -27.49 -7.66 7.02
C MET A 64 -27.37 -9.07 7.59
N ILE A 65 -26.16 -9.45 8.01
CA ILE A 65 -25.99 -10.75 8.67
C ILE A 65 -26.84 -10.82 9.94
N ARG A 66 -26.86 -9.75 10.71
CA ARG A 66 -27.68 -9.74 11.92
C ARG A 66 -29.18 -9.74 11.63
N VAL A 67 -29.60 -8.94 10.65
CA VAL A 67 -31.00 -8.62 10.45
C VAL A 67 -31.73 -9.51 9.42
N VAL A 68 -31.06 -9.91 8.36
CA VAL A 68 -31.73 -10.70 7.30
C VAL A 68 -32.24 -12.05 7.79
N LYS A 69 -33.54 -12.28 7.63
CA LYS A 69 -34.14 -13.57 7.88
C LYS A 69 -34.92 -13.98 6.64
N PRO A 70 -35.19 -15.29 6.46
CA PRO A 70 -35.92 -15.73 5.28
C PRO A 70 -37.24 -14.99 5.02
N ASN A 71 -37.43 -14.58 3.77
CA ASN A 71 -38.63 -13.89 3.27
C ASN A 71 -38.86 -12.49 3.83
N SER A 72 -37.87 -11.98 4.56
CA SER A 72 -37.93 -10.61 5.09
C SER A 72 -36.89 -9.65 4.52
N LEU A 73 -36.32 -9.97 3.35
CA LEU A 73 -35.22 -9.19 2.79
C LEU A 73 -35.44 -7.68 2.76
N SER A 74 -36.59 -7.24 2.26
CA SER A 74 -36.80 -5.82 2.01
C SER A 74 -36.73 -4.98 3.28
N GLY A 75 -37.31 -5.49 4.37
CA GLY A 75 -37.25 -4.79 5.64
C GLY A 75 -35.82 -4.70 6.16
N ALA A 76 -35.07 -5.79 5.98
CA ALA A 76 -33.69 -5.85 6.43
C ALA A 76 -32.84 -4.84 5.67
N HIS A 77 -33.01 -4.81 4.35
CA HIS A 77 -32.27 -3.86 3.52
C HIS A 77 -32.62 -2.43 3.88
N GLU A 78 -33.90 -2.17 4.11
CA GLU A 78 -34.36 -0.83 4.44
C GLU A 78 -33.72 -0.40 5.76
N ALA A 79 -33.61 -1.33 6.69
CA ALA A 79 -33.01 -1.07 7.99
C ALA A 79 -31.50 -0.83 7.90
N CYS A 80 -30.83 -1.61 7.06
CA CYS A 80 -29.38 -1.62 7.03
C CYS A 80 -28.70 -0.68 6.03
N LYS A 81 -29.44 -0.22 5.02
CA LYS A 81 -28.79 0.44 3.89
C LYS A 81 -28.12 1.77 4.27
N THR A 82 -28.54 2.37 5.38
CA THR A 82 -27.94 3.62 5.82
C THR A 82 -26.90 3.49 6.94
N VAL A 83 -26.63 2.27 7.40
CA VAL A 83 -25.70 2.10 8.52
C VAL A 83 -24.29 2.50 8.11
N SER A 84 -23.47 2.89 9.10
CA SER A 84 -22.08 3.25 8.85
C SER A 84 -21.28 2.06 8.35
N CYS A 85 -20.48 2.29 7.31
CA CYS A 85 -19.69 1.22 6.71
C CYS A 85 -18.47 0.82 7.53
N GLY A 86 -17.97 1.74 8.35
CA GLY A 86 -16.76 1.52 9.11
C GLY A 86 -15.54 1.97 8.31
N ASN A 87 -14.36 1.52 8.73
CA ASN A 87 -13.12 1.88 8.06
C ASN A 87 -12.95 1.09 6.77
N PRO A 88 -12.93 1.79 5.62
CA PRO A 88 -12.79 1.18 4.28
C PRO A 88 -11.38 0.67 3.97
N CYS A 89 -10.40 1.08 4.77
CA CYS A 89 -9.00 0.83 4.47
C CYS A 89 -8.57 -0.53 4.96
N ALA A 90 -9.00 -0.90 6.16
CA ALA A 90 -9.01 -2.31 6.52
C ALA A 90 -9.99 -2.55 7.67
N SER B 4 -5.16 9.23 10.93
CA SER B 4 -6.53 8.79 10.84
C SER B 4 -7.30 9.12 12.12
N SER B 5 -8.45 9.76 11.99
CA SER B 5 -9.33 9.98 13.13
C SER B 5 -10.37 8.88 13.23
N GLY B 6 -10.44 8.05 12.20
CA GLY B 6 -11.41 6.99 12.15
C GLY B 6 -12.87 7.40 12.14
N PRO B 7 -13.33 8.10 11.08
CA PRO B 7 -14.75 8.44 11.00
C PRO B 7 -15.56 7.16 10.83
N ALA B 8 -16.83 7.16 11.20
CA ALA B 8 -17.61 5.93 11.16
C ALA B 8 -18.05 5.53 9.75
N ASP B 9 -18.14 6.48 8.84
CA ASP B 9 -18.61 6.20 7.49
C ASP B 9 -17.98 7.12 6.46
N CYS B 10 -17.43 6.57 5.39
CA CYS B 10 -16.71 7.37 4.42
C CYS B 10 -17.59 8.31 3.62
N CYS B 11 -18.81 7.87 3.31
CA CYS B 11 -19.72 8.71 2.57
C CYS B 11 -20.18 9.91 3.41
N ARG B 12 -20.52 9.63 4.66
CA ARG B 12 -20.89 10.68 5.60
C ARG B 12 -19.72 11.64 5.78
N MET B 13 -18.51 11.10 5.78
CA MET B 13 -17.31 11.91 5.84
C MET B 13 -17.27 12.86 4.65
N LYS B 14 -17.58 12.35 3.46
CA LYS B 14 -17.60 13.20 2.26
C LYS B 14 -18.65 14.31 2.35
N GLU B 15 -19.85 13.95 2.77
CA GLU B 15 -20.94 14.93 2.86
C GLU B 15 -20.60 16.05 3.85
N CYS B 16 -20.07 15.63 5.00
CA CYS B 16 -19.58 16.57 6.00
C CYS B 16 -18.50 17.44 5.39
N CYS B 17 -17.59 16.82 4.64
CA CYS B 17 -16.44 17.49 4.09
C CYS B 17 -16.86 18.64 3.17
N THR B 18 -17.72 18.33 2.22
CA THR B 18 -18.12 19.35 1.26
C THR B 18 -18.98 20.43 1.91
N ASP B 19 -19.89 20.05 2.81
CA ASP B 19 -20.65 21.06 3.55
C ASP B 19 -19.75 22.03 4.32
N ARG B 20 -18.78 21.47 5.04
CA ARG B 20 -17.91 22.29 5.86
C ARG B 20 -16.98 23.17 5.05
N VAL B 21 -16.44 22.66 3.96
CA VAL B 21 -15.61 23.50 3.11
C VAL B 21 -16.44 24.65 2.56
N ASN B 22 -17.66 24.36 2.10
CA ASN B 22 -18.52 25.42 1.58
C ASN B 22 -18.80 26.50 2.64
N GLU B 23 -19.20 26.07 3.83
CA GLU B 23 -19.48 27.00 4.91
C GLU B 23 -18.25 27.83 5.28
N CYS B 24 -17.09 27.17 5.33
CA CYS B 24 -15.85 27.84 5.69
C CYS B 24 -15.52 28.90 4.65
N LEU B 25 -15.64 28.54 3.38
CA LEU B 25 -15.33 29.48 2.29
C LEU B 25 -16.32 30.64 2.26
N GLN B 26 -17.53 30.42 2.77
CA GLN B 26 -18.48 31.52 2.89
C GLN B 26 -18.01 32.58 3.90
N ARG B 27 -17.06 32.23 4.76
CA ARG B 27 -16.55 33.23 5.70
C ARG B 27 -15.49 34.11 5.05
N TYR B 28 -14.93 33.64 3.94
CA TYR B 28 -13.85 34.33 3.24
C TYR B 28 -14.23 35.00 1.92
N SER B 29 -15.48 35.46 1.85
CA SER B 29 -16.03 36.06 0.64
C SER B 29 -15.09 37.08 0.00
N GLY B 30 -14.95 36.99 -1.32
CA GLY B 30 -14.05 37.84 -2.08
C GLY B 30 -12.65 37.31 -2.26
N ARG B 31 -12.21 36.40 -1.38
CA ARG B 31 -10.91 35.75 -1.55
C ARG B 31 -10.94 34.20 -1.48
N GLU B 32 -12.10 33.61 -1.73
CA GLU B 32 -12.33 32.17 -1.50
C GLU B 32 -11.25 31.22 -2.06
N ASP B 33 -10.74 31.57 -3.24
CA ASP B 33 -9.74 30.75 -3.92
C ASP B 33 -8.48 30.62 -3.08
N LYS B 34 -8.17 31.64 -2.31
CA LYS B 34 -6.97 31.62 -1.48
C LYS B 34 -7.19 30.78 -0.22
N PHE B 35 -8.45 30.52 0.11
CA PHE B 35 -8.77 29.79 1.34
C PHE B 35 -9.29 28.37 1.15
N VAL B 36 -9.31 27.89 -0.09
CA VAL B 36 -9.78 26.51 -0.32
C VAL B 36 -9.01 25.48 0.53
N SER B 37 -7.67 25.50 0.48
CA SER B 37 -6.87 24.55 1.27
C SER B 37 -7.05 24.70 2.78
N PHE B 38 -7.13 25.95 3.24
CA PHE B 38 -7.33 26.26 4.65
C PHE B 38 -8.63 25.64 5.16
N CYS B 39 -9.68 25.86 4.37
CA CYS B 39 -11.00 25.37 4.70
C CYS B 39 -11.08 23.85 4.58
N TYR B 40 -10.29 23.29 3.67
CA TYR B 40 -10.26 21.84 3.51
C TYR B 40 -9.61 21.23 4.74
N GLN B 41 -8.57 21.88 5.27
CA GLN B 41 -7.97 21.36 6.50
C GLN B 41 -8.96 21.47 7.66
N GLU B 42 -9.69 22.58 7.71
CA GLU B 42 -10.69 22.74 8.78
C GLU B 42 -11.73 21.63 8.69
N ALA B 43 -12.16 21.34 7.47
CA ALA B 43 -13.16 20.31 7.23
C ALA B 43 -12.62 18.93 7.59
N THR B 44 -11.34 18.69 7.29
CA THR B 44 -10.71 17.41 7.57
C THR B 44 -10.62 17.20 9.08
N VAL B 45 -10.34 18.28 9.80
CA VAL B 45 -10.25 18.22 11.25
C VAL B 45 -11.60 17.97 11.90
N THR B 46 -12.64 18.64 11.39
CA THR B 46 -13.96 18.56 12.00
C THR B 46 -14.69 17.27 11.62
N CYS B 47 -14.60 16.89 10.34
CA CYS B 47 -15.31 15.73 9.82
C CYS B 47 -14.52 14.44 9.98
N GLY B 48 -13.22 14.60 10.22
CA GLY B 48 -12.34 13.45 10.29
C GLY B 48 -11.82 12.96 8.96
N SER B 49 -10.89 12.01 9.02
CA SER B 49 -10.35 11.38 7.82
C SER B 49 -9.76 10.02 8.18
N PHE B 50 -9.60 9.17 7.18
CA PHE B 50 -8.91 7.90 7.36
C PHE B 50 -7.42 8.03 7.09
N ASN B 51 -7.06 9.08 6.36
CA ASN B 51 -5.66 9.44 6.18
C ASN B 51 -5.55 10.97 6.11
N GLU B 52 -4.78 11.56 7.02
CA GLU B 52 -4.73 13.02 7.14
C GLU B 52 -4.08 13.73 5.96
N ILE B 53 -3.22 13.01 5.25
CA ILE B 53 -2.60 13.54 4.06
C ILE B 53 -3.65 13.64 2.97
N VAL B 54 -4.54 12.65 2.92
CA VAL B 54 -5.62 12.65 1.95
C VAL B 54 -6.80 13.56 2.35
N GLY B 55 -7.17 13.55 3.63
CA GLY B 55 -8.27 14.37 4.10
C GLY B 55 -9.65 13.78 3.84
N CYS B 56 -10.70 14.58 4.06
CA CYS B 56 -12.07 14.04 4.06
C CYS B 56 -12.69 13.87 2.67
N CYS B 57 -12.20 14.60 1.66
CA CYS B 57 -12.48 14.27 0.26
C CYS B 57 -11.47 14.96 -0.67
N TYR B 58 -10.45 14.23 -1.13
CA TYR B 58 -9.33 14.89 -1.80
C TYR B 58 -9.73 15.42 -3.18
N GLY B 59 -10.50 14.62 -3.91
CA GLY B 59 -10.96 15.00 -5.23
C GLY B 59 -11.73 16.30 -5.21
N TYR B 60 -12.50 16.50 -4.15
CA TYR B 60 -13.24 17.74 -3.98
C TYR B 60 -12.30 18.91 -3.74
N GLN B 61 -11.28 18.72 -2.91
CA GLN B 61 -10.30 19.80 -2.71
C GLN B 61 -9.67 20.19 -4.03
N MET B 62 -9.22 19.20 -4.80
CA MET B 62 -8.59 19.50 -6.08
C MET B 62 -9.54 20.19 -7.06
N CYS B 63 -10.78 19.74 -7.07
CA CYS B 63 -11.79 20.36 -7.94
C CYS B 63 -11.98 21.82 -7.54
N MET B 64 -12.08 22.09 -6.25
CA MET B 64 -12.29 23.45 -5.77
C MET B 64 -11.10 24.37 -6.03
N ILE B 65 -9.89 23.83 -5.87
CA ILE B 65 -8.68 24.59 -6.19
C ILE B 65 -8.69 24.96 -7.66
N ARG B 66 -9.10 24.02 -8.50
CA ARG B 66 -9.21 24.27 -9.92
C ARG B 66 -10.29 25.30 -10.29
N VAL B 67 -11.45 25.20 -9.67
CA VAL B 67 -12.64 25.94 -10.09
C VAL B 67 -12.93 27.27 -9.33
N VAL B 68 -12.68 27.31 -8.03
CA VAL B 68 -13.06 28.48 -7.23
C VAL B 68 -12.34 29.77 -7.62
N LYS B 69 -13.14 30.80 -7.91
CA LYS B 69 -12.65 32.16 -8.14
C LYS B 69 -13.36 33.13 -7.20
N PRO B 70 -12.74 34.30 -6.94
CA PRO B 70 -13.33 35.27 -6.00
C PRO B 70 -14.80 35.61 -6.30
N ASN B 71 -15.63 35.56 -5.26
CA ASN B 71 -17.06 35.89 -5.33
C ASN B 71 -17.90 34.98 -6.23
N SER B 72 -17.32 33.87 -6.69
CA SER B 72 -18.05 32.86 -7.48
C SER B 72 -18.25 31.52 -6.76
N LEU B 73 -18.12 31.50 -5.44
CA LEU B 73 -18.11 30.25 -4.65
C LEU B 73 -19.22 29.23 -4.93
N SER B 74 -20.47 29.69 -4.98
CA SER B 74 -21.61 28.78 -5.02
C SER B 74 -21.61 27.85 -6.23
N GLY B 75 -21.27 28.40 -7.40
CA GLY B 75 -21.20 27.60 -8.60
C GLY B 75 -20.09 26.57 -8.51
N ALA B 76 -18.95 26.96 -7.95
CA ALA B 76 -17.82 26.06 -7.82
C ALA B 76 -18.17 24.90 -6.90
N HIS B 77 -18.78 25.21 -5.75
CA HIS B 77 -19.19 24.19 -4.81
C HIS B 77 -20.21 23.24 -5.42
N GLU B 78 -21.18 23.78 -6.15
CA GLU B 78 -22.20 22.96 -6.81
C GLU B 78 -21.60 22.02 -7.85
N ALA B 79 -20.61 22.53 -8.59
CA ALA B 79 -19.94 21.73 -9.60
C ALA B 79 -19.10 20.61 -8.97
N CYS B 80 -18.42 20.95 -7.88
CA CYS B 80 -17.42 20.05 -7.30
C CYS B 80 -17.94 19.05 -6.25
N LYS B 81 -19.08 19.33 -5.65
CA LYS B 81 -19.50 18.57 -4.48
C LYS B 81 -19.82 17.10 -4.80
N THR B 82 -20.09 16.83 -6.07
CA THR B 82 -20.38 15.46 -6.49
C THR B 82 -19.18 14.76 -7.13
N VAL B 83 -18.04 15.44 -7.23
CA VAL B 83 -16.87 14.85 -7.88
C VAL B 83 -16.40 13.65 -7.05
N SER B 84 -15.76 12.69 -7.70
CA SER B 84 -15.23 11.53 -6.99
C SER B 84 -14.13 11.94 -6.03
N CYS B 85 -14.18 11.43 -4.80
CA CYS B 85 -13.19 11.80 -3.80
C CYS B 85 -11.84 11.14 -4.02
N GLY B 86 -11.87 9.97 -4.65
CA GLY B 86 -10.68 9.18 -4.82
C GLY B 86 -10.53 8.24 -3.63
N ASN B 87 -9.33 7.70 -3.46
CA ASN B 87 -9.04 6.75 -2.39
C ASN B 87 -8.85 7.46 -1.05
N PRO B 88 -9.70 7.14 -0.06
CA PRO B 88 -9.63 7.76 1.28
C PRO B 88 -8.46 7.25 2.13
N CYS B 89 -7.83 6.16 1.71
CA CYS B 89 -6.82 5.48 2.50
C CYS B 89 -5.41 6.01 2.22
N ALA B 90 -5.12 6.31 0.96
CA ALA B 90 -3.81 6.85 0.61
C ALA B 90 -3.88 7.63 -0.69
N PRO C 7 12.52 -16.65 -6.91
CA PRO C 7 12.13 -15.81 -5.76
C PRO C 7 11.19 -16.52 -4.77
N ALA C 8 11.73 -16.92 -3.61
CA ALA C 8 10.94 -17.54 -2.55
C ALA C 8 10.27 -16.52 -1.62
N ASP C 9 9.15 -16.90 -1.02
CA ASP C 9 8.44 -16.04 -0.06
C ASP C 9 7.74 -16.92 0.96
N CYS C 10 7.97 -16.67 2.24
CA CYS C 10 7.44 -17.55 3.28
C CYS C 10 5.92 -17.43 3.44
N CYS C 11 5.33 -16.27 3.15
CA CYS C 11 3.87 -16.18 3.18
C CYS C 11 3.25 -17.01 2.05
N ARG C 12 3.79 -16.85 0.85
CA ARG C 12 3.32 -17.65 -0.29
C ARG C 12 3.57 -19.12 -0.04
N MET C 13 4.72 -19.42 0.56
CA MET C 13 5.04 -20.79 0.90
C MET C 13 4.06 -21.39 1.88
N LYS C 14 3.69 -20.63 2.91
CA LYS C 14 2.74 -21.13 3.90
C LYS C 14 1.37 -21.37 3.27
N GLU C 15 0.89 -20.40 2.48
CA GLU C 15 -0.42 -20.56 1.85
C GLU C 15 -0.43 -21.76 0.91
N CYS C 16 0.63 -21.89 0.12
CA CYS C 16 0.79 -23.04 -0.75
C CYS C 16 0.77 -24.32 0.06
N CYS C 17 1.50 -24.31 1.18
CA CYS C 17 1.67 -25.49 2.00
C CYS C 17 0.34 -26.00 2.52
N THR C 18 -0.42 -25.12 3.17
CA THR C 18 -1.68 -25.54 3.76
C THR C 18 -2.71 -25.92 2.69
N ASP C 19 -2.75 -25.14 1.60
CA ASP C 19 -3.61 -25.50 0.48
C ASP C 19 -3.32 -26.89 -0.07
N ARG C 20 -2.04 -27.18 -0.29
CA ARG C 20 -1.62 -28.44 -0.90
C ARG C 20 -1.86 -29.62 0.03
N VAL C 21 -1.60 -29.42 1.33
CA VAL C 21 -1.88 -30.48 2.31
C VAL C 21 -3.37 -30.80 2.33
N ASN C 22 -4.18 -29.74 2.35
CA ASN C 22 -5.63 -29.91 2.35
C ASN C 22 -6.10 -30.67 1.11
N GLU C 23 -5.66 -30.22 -0.05
CA GLU C 23 -6.04 -30.86 -1.32
C GLU C 23 -5.60 -32.33 -1.34
N CYS C 24 -4.40 -32.60 -0.83
CA CYS C 24 -3.87 -33.96 -0.78
C CYS C 24 -4.74 -34.85 0.11
N LEU C 25 -5.07 -34.34 1.29
CA LEU C 25 -5.89 -35.10 2.23
C LEU C 25 -7.29 -35.34 1.71
N GLN C 26 -7.73 -34.48 0.80
CA GLN C 26 -9.04 -34.66 0.16
C GLN C 26 -9.11 -35.93 -0.69
N ARG C 27 -7.96 -36.49 -1.04
CA ARG C 27 -7.91 -37.74 -1.80
C ARG C 27 -8.09 -38.97 -0.92
N TYR C 28 -7.90 -38.80 0.38
CA TYR C 28 -7.93 -39.91 1.34
C TYR C 28 -9.14 -39.97 2.26
N SER C 29 -10.30 -39.54 1.76
CA SER C 29 -11.50 -39.41 2.58
C SER C 29 -11.75 -40.64 3.45
N GLY C 30 -12.01 -40.39 4.73
CA GLY C 30 -12.23 -41.44 5.71
C GLY C 30 -10.96 -41.94 6.38
N ARG C 31 -9.81 -41.73 5.73
CA ARG C 31 -8.52 -42.12 6.32
C ARG C 31 -7.50 -40.98 6.55
N GLU C 32 -7.97 -39.74 6.52
CA GLU C 32 -7.09 -38.56 6.49
C GLU C 32 -5.97 -38.55 7.56
N ASP C 33 -6.32 -39.06 8.74
CA ASP C 33 -5.39 -39.07 9.88
C ASP C 33 -4.13 -39.85 9.58
N LYS C 34 -4.25 -40.90 8.78
CA LYS C 34 -3.10 -41.71 8.45
C LYS C 34 -2.22 -41.04 7.39
N PHE C 35 -2.78 -40.07 6.67
CA PHE C 35 -2.08 -39.46 5.55
C PHE C 35 -1.58 -38.04 5.76
N VAL C 36 -1.77 -37.49 6.96
CA VAL C 36 -1.28 -36.13 7.21
C VAL C 36 0.22 -35.95 6.87
N SER C 37 1.09 -36.80 7.39
CA SER C 37 2.53 -36.71 7.11
C SER C 37 2.88 -36.87 5.63
N PHE C 38 2.22 -37.80 4.96
CA PHE C 38 2.43 -38.05 3.53
C PHE C 38 2.11 -36.77 2.77
N CYS C 39 0.95 -36.20 3.07
CA CYS C 39 0.48 -35.04 2.36
C CYS C 39 1.36 -33.83 2.67
N TYR C 40 1.94 -33.82 3.88
CA TYR C 40 2.85 -32.74 4.23
C TYR C 40 4.14 -32.87 3.41
N GLN C 41 4.57 -34.10 3.15
CA GLN C 41 5.74 -34.32 2.30
C GLN C 41 5.44 -33.86 0.86
N GLU C 42 4.24 -34.19 0.40
CA GLU C 42 3.81 -33.79 -0.95
C GLU C 42 3.77 -32.27 -1.07
N ALA C 43 3.23 -31.62 -0.04
CA ALA C 43 3.14 -30.17 -0.03
C ALA C 43 4.53 -29.56 0.01
N THR C 44 5.42 -30.17 0.78
CA THR C 44 6.78 -29.65 0.92
C THR C 44 7.54 -29.73 -0.40
N VAL C 45 7.32 -30.82 -1.14
CA VAL C 45 7.98 -30.98 -2.43
C VAL C 45 7.38 -30.00 -3.45
N THR C 46 6.06 -29.79 -3.37
CA THR C 46 5.38 -28.95 -4.35
C THR C 46 5.64 -27.45 -4.13
N CYS C 47 5.57 -27.04 -2.88
CA CYS C 47 5.68 -25.64 -2.51
C CYS C 47 7.11 -25.19 -2.23
N GLY C 48 7.98 -26.16 -2.01
CA GLY C 48 9.34 -25.87 -1.59
C GLY C 48 9.42 -25.69 -0.09
N SER C 49 10.64 -25.57 0.41
CA SER C 49 10.89 -25.33 1.83
C SER C 49 12.28 -24.72 1.98
N PHE C 50 12.53 -24.09 3.11
CA PHE C 50 13.87 -23.57 3.38
C PHE C 50 14.74 -24.60 4.09
N ASN C 51 14.09 -25.58 4.69
CA ASN C 51 14.73 -26.78 5.24
C ASN C 51 13.79 -27.95 4.98
N GLU C 52 14.25 -28.92 4.20
CA GLU C 52 13.37 -30.00 3.74
C GLU C 52 12.92 -30.92 4.88
N ILE C 53 13.73 -30.99 5.93
CA ILE C 53 13.35 -31.79 7.10
C ILE C 53 12.22 -31.11 7.86
N VAL C 54 12.27 -29.78 7.92
CA VAL C 54 11.25 -28.99 8.59
C VAL C 54 9.98 -28.89 7.73
N GLY C 55 10.18 -28.72 6.43
CA GLY C 55 9.09 -28.62 5.47
C GLY C 55 8.48 -27.23 5.36
N CYS C 56 7.37 -27.13 4.62
CA CYS C 56 6.84 -25.83 4.23
C CYS C 56 6.00 -25.12 5.30
N CYS C 57 5.47 -25.85 6.27
CA CYS C 57 4.97 -25.22 7.49
C CYS C 57 4.83 -26.24 8.61
N TYR C 58 5.81 -26.28 9.52
CA TYR C 58 5.89 -27.36 10.50
C TYR C 58 4.76 -27.32 11.53
N GLY C 59 4.46 -26.11 12.01
CA GLY C 59 3.40 -25.93 12.98
C GLY C 59 2.08 -26.42 12.46
N TYR C 60 1.84 -26.21 11.17
CA TYR C 60 0.62 -26.68 10.53
C TYR C 60 0.59 -28.20 10.47
N GLN C 61 1.72 -28.82 10.13
CA GLN C 61 1.77 -30.27 10.13
C GLN C 61 1.40 -30.83 11.50
N MET C 62 2.03 -30.29 12.54
CA MET C 62 1.78 -30.82 13.88
C MET C 62 0.34 -30.57 14.30
N CYS C 63 -0.18 -29.40 13.95
CA CYS C 63 -1.57 -29.08 14.27
C CYS C 63 -2.51 -30.07 13.60
N MET C 64 -2.26 -30.37 12.34
CA MET C 64 -3.10 -31.31 11.60
C MET C 64 -2.99 -32.73 12.16
N ILE C 65 -1.78 -33.11 12.58
CA ILE C 65 -1.60 -34.42 13.21
C ILE C 65 -2.45 -34.51 14.48
N ARG C 66 -2.48 -33.42 15.25
CA ARG C 66 -3.29 -33.36 16.47
C ARG C 66 -4.80 -33.35 16.19
N VAL C 67 -5.23 -32.56 15.22
CA VAL C 67 -6.65 -32.25 15.00
C VAL C 67 -7.37 -33.15 13.98
N VAL C 68 -6.69 -33.55 12.91
CA VAL C 68 -7.33 -34.33 11.85
C VAL C 68 -7.83 -35.68 12.33
N LYS C 69 -9.13 -35.92 12.14
CA LYS C 69 -9.73 -37.22 12.39
C LYS C 69 -10.49 -37.64 11.14
N PRO C 70 -10.76 -38.95 11.00
CA PRO C 70 -11.49 -39.40 9.81
C PRO C 70 -12.77 -38.63 9.56
N ASN C 71 -12.96 -38.23 8.30
CA ASN C 71 -14.14 -37.54 7.80
C ASN C 71 -14.40 -36.12 8.33
N SER C 72 -13.47 -35.56 9.08
CA SER C 72 -13.57 -34.18 9.57
C SER C 72 -12.51 -33.21 9.03
N LEU C 73 -11.91 -33.56 7.89
CA LEU C 73 -10.78 -32.79 7.35
C LEU C 73 -10.97 -31.28 7.29
N SER C 74 -12.10 -30.83 6.75
CA SER C 74 -12.29 -29.41 6.48
C SER C 74 -12.25 -28.57 7.76
N GLY C 75 -12.86 -29.09 8.82
CA GLY C 75 -12.84 -28.42 10.11
C GLY C 75 -11.42 -28.34 10.67
N ALA C 76 -10.67 -29.42 10.49
CA ALA C 76 -9.30 -29.49 10.97
C ALA C 76 -8.43 -28.47 10.25
N HIS C 77 -8.57 -28.43 8.93
CA HIS C 77 -7.83 -27.48 8.11
C HIS C 77 -8.18 -26.05 8.52
N GLU C 78 -9.46 -25.81 8.73
CA GLU C 78 -9.90 -24.47 9.08
C GLU C 78 -9.30 -24.08 10.42
N ALA C 79 -9.21 -25.03 11.34
CA ALA C 79 -8.64 -24.78 12.66
C ALA C 79 -7.15 -24.52 12.61
N CYS C 80 -6.45 -25.28 11.77
CA CYS C 80 -4.99 -25.29 11.77
C CYS C 80 -4.31 -24.33 10.79
N LYS C 81 -5.01 -23.86 9.76
CA LYS C 81 -4.32 -23.18 8.66
C LYS C 81 -3.67 -21.84 9.04
N THR C 82 -4.12 -21.23 10.13
CA THR C 82 -3.54 -19.97 10.57
C THR C 82 -2.51 -20.13 11.68
N VAL C 83 -2.25 -21.36 12.11
CA VAL C 83 -1.34 -21.60 13.23
C VAL C 83 0.09 -21.19 12.85
N SER C 84 0.91 -20.86 13.86
CA SER C 84 2.30 -20.48 13.62
C SER C 84 3.09 -21.64 13.04
N CYS C 85 3.88 -21.36 12.00
CA CYS C 85 4.66 -22.40 11.35
C CYS C 85 5.90 -22.80 12.15
N GLY C 86 6.39 -21.87 12.96
CA GLY C 86 7.62 -22.11 13.71
C GLY C 86 8.83 -21.67 12.90
N ASN C 87 10.00 -22.13 13.31
CA ASN C 87 11.24 -21.79 12.61
C ASN C 87 11.36 -22.61 11.32
N PRO C 88 11.39 -21.91 10.18
CA PRO C 88 11.51 -22.56 8.87
C PRO C 88 12.92 -23.10 8.57
N CYS C 89 13.90 -22.64 9.34
CA CYS C 89 15.30 -22.91 9.10
C CYS C 89 15.80 -24.19 9.75
N ALA C 90 15.29 -24.48 10.96
CA ALA C 90 15.68 -25.69 11.67
C ALA C 90 14.58 -26.12 12.63
N GLY D 6 12.38 -13.23 18.56
CA GLY D 6 12.19 -14.62 18.19
C GLY D 6 10.82 -14.87 17.60
N PRO D 7 10.68 -14.72 16.27
CA PRO D 7 9.36 -14.90 15.67
C PRO D 7 8.89 -16.34 15.61
N ALA D 8 7.60 -16.52 15.82
CA ALA D 8 6.97 -17.84 15.79
C ALA D 8 6.51 -18.22 14.38
N ASP D 9 6.37 -17.25 13.50
CA ASP D 9 5.83 -17.50 12.17
C ASP D 9 6.44 -16.54 11.15
N CYS D 10 6.95 -17.07 10.05
CA CYS D 10 7.66 -16.25 9.07
C CYS D 10 6.75 -15.30 8.32
N CYS D 11 5.53 -15.74 8.04
CA CYS D 11 4.59 -14.87 7.34
C CYS D 11 4.16 -13.69 8.21
N ARG D 12 3.86 -13.98 9.47
CA ARG D 12 3.53 -12.93 10.42
C ARG D 12 4.70 -11.98 10.55
N MET D 13 5.92 -12.54 10.52
CA MET D 13 7.13 -11.74 10.56
C MET D 13 7.17 -10.78 9.37
N LYS D 14 6.83 -11.26 8.18
CA LYS D 14 6.81 -10.41 6.99
C LYS D 14 5.79 -9.27 7.09
N GLU D 15 4.58 -9.62 7.53
CA GLU D 15 3.50 -8.64 7.64
C GLU D 15 3.88 -7.54 8.64
N CYS D 16 4.42 -7.97 9.77
CA CYS D 16 4.93 -7.06 10.79
C CYS D 16 6.01 -6.17 10.18
N CYS D 17 6.90 -6.80 9.41
CA CYS D 17 8.06 -6.12 8.84
C CYS D 17 7.64 -4.97 7.96
N THR D 18 6.78 -5.25 7.00
CA THR D 18 6.39 -4.21 6.05
C THR D 18 5.55 -3.12 6.74
N ASP D 19 4.65 -3.51 7.65
CA ASP D 19 3.93 -2.48 8.41
C ASP D 19 4.85 -1.55 9.20
N ARG D 20 5.81 -2.13 9.91
CA ARG D 20 6.70 -1.34 10.77
C ARG D 20 7.62 -0.45 9.94
N VAL D 21 8.13 -0.96 8.83
CA VAL D 21 8.95 -0.13 7.96
C VAL D 21 8.13 1.03 7.44
N ASN D 22 6.90 0.77 7.00
CA ASN D 22 6.05 1.84 6.50
C ASN D 22 5.80 2.93 7.56
N GLU D 23 5.42 2.52 8.76
CA GLU D 23 5.16 3.47 9.85
C GLU D 23 6.41 4.30 10.19
N CYS D 24 7.54 3.60 10.25
CA CYS D 24 8.81 4.23 10.57
C CYS D 24 9.14 5.28 9.53
N LEU D 25 8.97 4.93 8.26
CA LEU D 25 9.26 5.86 7.19
C LEU D 25 8.26 7.01 7.20
N GLN D 26 7.07 6.76 7.73
CA GLN D 26 6.09 7.84 7.89
C GLN D 26 6.59 8.84 8.91
N ARG D 27 7.51 8.42 9.78
CA ARG D 27 8.08 9.41 10.71
C ARG D 27 9.16 10.28 10.04
N TYR D 28 9.69 9.80 8.92
CA TYR D 28 10.77 10.47 8.20
C TYR D 28 10.37 11.18 6.91
N SER D 29 9.14 11.69 6.90
CA SER D 29 8.56 12.34 5.73
C SER D 29 9.51 13.37 5.12
N GLY D 30 9.62 13.32 3.79
CA GLY D 30 10.50 14.21 3.06
C GLY D 30 11.90 13.67 2.83
N ARG D 31 12.35 12.73 3.65
CA ARG D 31 13.64 12.07 3.42
C ARG D 31 13.62 10.53 3.44
N GLU D 32 12.45 9.94 3.19
CA GLU D 32 12.22 8.51 3.38
C GLU D 32 13.27 7.55 2.78
N ASP D 33 13.76 7.92 1.59
CA ASP D 33 14.72 7.06 0.89
C ASP D 33 16.00 6.90 1.67
N LYS D 34 16.38 7.91 2.44
CA LYS D 34 17.60 7.86 3.22
C LYS D 34 17.42 7.02 4.48
N PHE D 35 16.16 6.78 4.88
CA PHE D 35 15.87 6.04 6.11
C PHE D 35 15.34 4.63 5.92
N VAL D 36 15.25 4.18 4.67
CA VAL D 36 14.76 2.80 4.45
C VAL D 36 15.55 1.75 5.29
N SER D 37 16.88 1.74 5.21
CA SER D 37 17.69 0.77 5.96
C SER D 37 17.56 0.91 7.48
N PHE D 38 17.52 2.14 7.98
CA PHE D 38 17.37 2.39 9.42
C PHE D 38 16.05 1.79 9.91
N CYS D 39 15.00 2.08 9.16
CA CYS D 39 13.66 1.62 9.52
C CYS D 39 13.54 0.11 9.40
N TYR D 40 14.29 -0.46 8.44
CA TYR D 40 14.28 -1.92 8.26
C TYR D 40 14.97 -2.59 9.44
N GLN D 41 16.04 -1.97 9.94
CA GLN D 41 16.72 -2.50 11.12
C GLN D 41 15.81 -2.43 12.33
N GLU D 42 15.09 -1.33 12.44
CA GLU D 42 14.17 -1.14 13.55
C GLU D 42 13.09 -2.24 13.50
N ALA D 43 12.59 -2.48 12.28
CA ALA D 43 11.54 -3.46 12.06
C ALA D 43 12.06 -4.87 12.36
N THR D 44 13.32 -5.10 12.04
CA THR D 44 13.92 -6.41 12.27
C THR D 44 14.02 -6.65 13.77
N VAL D 45 14.33 -5.61 14.53
CA VAL D 45 14.43 -5.79 15.98
C VAL D 45 13.06 -6.03 16.60
N THR D 46 12.05 -5.28 16.17
CA THR D 46 10.74 -5.40 16.80
C THR D 46 9.97 -6.65 16.35
N CYS D 47 10.03 -6.95 15.05
CA CYS D 47 9.29 -8.07 14.49
C CYS D 47 10.08 -9.37 14.62
N GLY D 48 11.37 -9.25 14.86
CA GLY D 48 12.23 -10.42 14.92
C GLY D 48 12.72 -10.87 13.55
N SER D 49 13.62 -11.84 13.58
CA SER D 49 14.13 -12.45 12.35
C SER D 49 14.68 -13.84 12.68
N PHE D 50 14.79 -14.68 11.67
CA PHE D 50 15.44 -15.98 11.83
C PHE D 50 16.93 -15.88 11.50
N ASN D 51 17.29 -14.84 10.77
CA ASN D 51 18.69 -14.49 10.56
C ASN D 51 18.75 -12.97 10.55
N GLU D 52 19.47 -12.39 11.50
CA GLU D 52 19.48 -10.94 11.67
C GLU D 52 20.18 -10.22 10.52
N ILE D 53 21.05 -10.95 9.82
CA ILE D 53 21.74 -10.37 8.68
C ILE D 53 20.72 -10.14 7.56
N VAL D 54 19.81 -11.09 7.43
CA VAL D 54 18.75 -11.02 6.42
C VAL D 54 17.60 -10.10 6.84
N GLY D 55 17.23 -10.18 8.12
CA GLY D 55 16.15 -9.36 8.63
C GLY D 55 14.77 -9.94 8.35
N CYS D 56 13.73 -9.14 8.62
CA CYS D 56 12.35 -9.66 8.61
C CYS D 56 11.70 -9.77 7.22
N CYS D 57 12.18 -9.01 6.24
CA CYS D 57 11.86 -9.29 4.84
C CYS D 57 12.84 -8.59 3.89
N TYR D 58 13.85 -9.32 3.40
CA TYR D 58 14.97 -8.68 2.73
C TYR D 58 14.55 -8.13 1.35
N GLY D 59 13.74 -8.89 0.64
CA GLY D 59 13.27 -8.48 -0.67
C GLY D 59 12.52 -7.16 -0.61
N TYR D 60 11.77 -6.96 0.47
CA TYR D 60 11.06 -5.71 0.66
C TYR D 60 12.03 -4.55 0.90
N GLN D 61 13.05 -4.78 1.71
CA GLN D 61 14.07 -3.74 1.93
C GLN D 61 14.69 -3.33 0.60
N MET D 62 15.10 -4.31 -0.19
CA MET D 62 15.73 -4.02 -1.48
C MET D 62 14.80 -3.28 -2.43
N CYS D 63 13.53 -3.70 -2.44
CA CYS D 63 12.54 -3.04 -3.27
C CYS D 63 12.36 -1.58 -2.86
N MET D 64 12.25 -1.35 -1.56
CA MET D 64 12.05 0.02 -1.07
C MET D 64 13.27 0.90 -1.33
N ILE D 65 14.46 0.35 -1.18
CA ILE D 65 15.68 1.08 -1.52
C ILE D 65 15.66 1.46 -3.01
N ARG D 66 15.21 0.54 -3.86
CA ARG D 66 15.14 0.84 -5.28
C ARG D 66 14.11 1.92 -5.61
N VAL D 67 12.93 1.81 -5.00
CA VAL D 67 11.73 2.59 -5.39
C VAL D 67 11.43 3.87 -4.59
N VAL D 68 11.67 3.87 -3.28
CA VAL D 68 11.27 5.00 -2.44
C VAL D 68 11.95 6.31 -2.80
N LYS D 69 11.14 7.34 -3.02
CA LYS D 69 11.63 8.70 -3.24
C LYS D 69 11.00 9.66 -2.23
N PRO D 70 11.66 10.80 -1.96
CA PRO D 70 11.15 11.78 -0.99
C PRO D 70 9.70 12.18 -1.26
N ASN D 71 8.88 12.15 -0.21
CA ASN D 71 7.45 12.50 -0.27
C ASN D 71 6.62 11.57 -1.16
N SER D 72 7.20 10.46 -1.60
CA SER D 72 6.48 9.46 -2.40
C SER D 72 6.23 8.09 -1.74
N LEU D 73 6.33 8.02 -0.43
CA LEU D 73 6.32 6.74 0.32
C LEU D 73 5.19 5.74 -0.01
N SER D 74 3.94 6.21 -0.02
CA SER D 74 2.79 5.29 -0.08
C SER D 74 2.74 4.39 -1.33
N GLY D 75 3.03 4.94 -2.50
CA GLY D 75 3.05 4.15 -3.72
C GLY D 75 4.14 3.11 -3.69
N ALA D 76 5.30 3.50 -3.15
CA ALA D 76 6.44 2.60 -3.05
C ALA D 76 6.10 1.45 -2.13
N HIS D 77 5.55 1.76 -0.96
CA HIS D 77 5.15 0.72 -0.02
C HIS D 77 4.09 -0.21 -0.57
N GLU D 78 3.08 0.35 -1.25
CA GLU D 78 2.02 -0.48 -1.82
C GLU D 78 2.57 -1.43 -2.87
N ALA D 79 3.51 -0.93 -3.68
CA ALA D 79 4.11 -1.75 -4.72
C ALA D 79 5.02 -2.84 -4.15
N CYS D 80 5.79 -2.49 -3.13
CA CYS D 80 6.84 -3.38 -2.63
C CYS D 80 6.38 -4.37 -1.57
N LYS D 81 5.25 -4.10 -0.93
CA LYS D 81 4.88 -4.89 0.26
C LYS D 81 4.55 -6.35 -0.03
N THR D 82 4.21 -6.66 -1.28
CA THR D 82 3.92 -8.04 -1.65
C THR D 82 5.06 -8.76 -2.38
N VAL D 83 6.19 -8.08 -2.59
CA VAL D 83 7.30 -8.68 -3.31
C VAL D 83 7.84 -9.84 -2.45
N SER D 84 8.47 -10.83 -3.09
CA SER D 84 9.01 -11.96 -2.34
C SER D 84 10.13 -11.53 -1.40
N CYS D 85 10.08 -12.04 -0.17
CA CYS D 85 11.07 -11.67 0.84
C CYS D 85 12.41 -12.35 0.59
N GLY D 86 12.36 -13.49 -0.06
CA GLY D 86 13.55 -14.31 -0.24
C GLY D 86 13.69 -15.27 0.91
N ASN D 87 14.89 -15.83 1.05
CA ASN D 87 15.18 -16.82 2.09
C ASN D 87 15.40 -16.14 3.46
N PRO D 88 14.55 -16.48 4.45
CA PRO D 88 14.67 -15.89 5.79
C PRO D 88 15.87 -16.44 6.59
N CYS D 89 16.45 -17.54 6.12
CA CYS D 89 17.49 -18.27 6.84
C CYS D 89 18.90 -17.76 6.54
N ALA D 90 19.16 -17.45 5.28
CA ALA D 90 20.46 -16.92 4.89
C ALA D 90 20.36 -16.09 3.61
N GLY E 6 -10.69 -10.01 -18.69
CA GLY E 6 -10.00 -10.49 -19.86
C GLY E 6 -8.78 -11.30 -19.47
N PRO E 7 -8.60 -12.48 -20.07
CA PRO E 7 -7.41 -13.21 -19.61
C PRO E 7 -6.13 -12.59 -20.17
N ALA E 8 -5.06 -12.67 -19.38
CA ALA E 8 -3.76 -12.16 -19.79
C ALA E 8 -3.00 -13.22 -20.57
N ASP E 9 -2.00 -12.79 -21.34
CA ASP E 9 -1.17 -13.72 -22.09
C ASP E 9 0.21 -13.13 -22.18
N CYS E 10 1.22 -13.88 -21.77
CA CYS E 10 2.56 -13.32 -21.69
C CYS E 10 3.18 -13.10 -23.08
N CYS E 11 2.78 -13.86 -24.09
CA CYS E 11 3.27 -13.58 -25.44
C CYS E 11 2.70 -12.26 -25.97
N ARG E 12 1.39 -12.08 -25.80
CA ARG E 12 0.73 -10.84 -26.22
C ARG E 12 1.30 -9.67 -25.44
N MET E 13 1.53 -9.92 -24.15
CA MET E 13 2.10 -8.92 -23.27
C MET E 13 3.49 -8.49 -23.71
N LYS E 14 4.34 -9.45 -24.06
CA LYS E 14 5.69 -9.13 -24.51
C LYS E 14 5.66 -8.32 -25.80
N GLU E 15 4.83 -8.76 -26.76
CA GLU E 15 4.72 -8.07 -28.04
C GLU E 15 4.23 -6.63 -27.85
N CYS E 16 3.20 -6.47 -27.02
CA CYS E 16 2.69 -5.16 -26.67
C CYS E 16 3.78 -4.32 -26.05
N CYS E 17 4.52 -4.92 -25.14
CA CYS E 17 5.53 -4.23 -24.36
C CYS E 17 6.62 -3.64 -25.25
N THR E 18 7.21 -4.47 -26.09
CA THR E 18 8.31 -4.01 -26.93
C THR E 18 7.79 -3.02 -27.98
N ASP E 19 6.63 -3.29 -28.56
CA ASP E 19 6.02 -2.34 -29.48
C ASP E 19 5.83 -0.95 -28.86
N ARG E 20 5.24 -0.92 -27.67
CA ARG E 20 4.95 0.35 -27.02
C ARG E 20 6.20 1.07 -26.57
N VAL E 21 7.20 0.34 -26.07
CA VAL E 21 8.46 0.99 -25.69
C VAL E 21 9.09 1.64 -26.92
N ASN E 22 9.13 0.92 -28.04
CA ASN E 22 9.68 1.48 -29.27
C ASN E 22 8.92 2.75 -29.70
N GLU E 23 7.60 2.64 -29.70
CA GLU E 23 6.72 3.76 -30.08
C GLU E 23 6.94 4.97 -29.21
N CYS E 24 7.08 4.73 -27.91
CA CYS E 24 7.32 5.77 -26.93
C CYS E 24 8.66 6.45 -27.16
N LEU E 25 9.70 5.65 -27.37
CA LEU E 25 11.05 6.18 -27.55
C LEU E 25 11.18 6.98 -28.85
N GLN E 26 10.30 6.70 -29.81
CA GLN E 26 10.27 7.51 -31.03
C GLN E 26 9.88 8.96 -30.79
N ARG E 27 9.30 9.27 -29.63
CA ARG E 27 8.95 10.66 -29.31
C ARG E 27 10.15 11.45 -28.82
N TYR E 28 11.21 10.74 -28.43
CA TYR E 28 12.39 11.34 -27.82
C TYR E 28 13.65 11.37 -28.68
N SER E 29 13.49 11.58 -29.99
CA SER E 29 14.60 11.52 -30.92
C SER E 29 15.83 12.30 -30.46
N GLY E 30 16.98 11.62 -30.48
CA GLY E 30 18.22 12.23 -30.04
C GLY E 30 18.50 12.13 -28.55
N ARG E 31 17.45 11.92 -27.76
CA ARG E 31 17.58 11.76 -26.31
C ARG E 31 17.13 10.40 -25.78
N GLU E 32 16.97 9.43 -26.68
CA GLU E 32 16.32 8.17 -26.35
C GLU E 32 16.85 7.48 -25.09
N ASP E 33 18.16 7.58 -24.86
CA ASP E 33 18.79 6.92 -23.72
C ASP E 33 18.24 7.40 -22.38
N LYS E 34 17.79 8.64 -22.31
CA LYS E 34 17.27 9.20 -21.07
C LYS E 34 15.85 8.73 -20.77
N PHE E 35 15.17 8.21 -21.78
CA PHE E 35 13.75 7.87 -21.64
C PHE E 35 13.37 6.38 -21.66
N VAL E 36 14.36 5.50 -21.70
CA VAL E 36 14.09 4.06 -21.75
C VAL E 36 13.21 3.62 -20.57
N SER E 37 13.59 3.99 -19.35
CA SER E 37 12.83 3.61 -18.15
C SER E 37 11.42 4.21 -18.15
N PHE E 38 11.32 5.47 -18.58
CA PHE E 38 10.04 6.18 -18.68
C PHE E 38 9.14 5.42 -19.63
N CYS E 39 9.67 5.10 -20.80
CA CYS E 39 8.88 4.45 -21.83
C CYS E 39 8.51 3.04 -21.41
N TYR E 40 9.37 2.40 -20.62
CA TYR E 40 9.07 1.06 -20.13
C TYR E 40 7.93 1.15 -19.13
N GLN E 41 7.88 2.21 -18.34
CA GLN E 41 6.78 2.40 -17.40
C GLN E 41 5.48 2.61 -18.18
N GLU E 42 5.56 3.41 -19.24
CA GLU E 42 4.40 3.66 -20.09
C GLU E 42 3.89 2.36 -20.70
N ALA E 43 4.83 1.56 -21.18
CA ALA E 43 4.48 0.29 -21.80
C ALA E 43 3.87 -0.65 -20.77
N THR E 44 4.38 -0.63 -19.55
CA THR E 44 3.89 -1.51 -18.49
C THR E 44 2.47 -1.13 -18.12
N VAL E 45 2.20 0.18 -18.12
CA VAL E 45 0.86 0.68 -17.82
C VAL E 45 -0.11 0.31 -18.94
N THR E 46 0.35 0.40 -20.18
CA THR E 46 -0.51 0.18 -21.33
C THR E 46 -0.79 -1.30 -21.56
N CYS E 47 0.26 -2.11 -21.46
CA CYS E 47 0.19 -3.54 -21.76
C CYS E 47 -0.16 -4.40 -20.55
N GLY E 48 -0.01 -3.85 -19.36
CA GLY E 48 -0.20 -4.62 -18.15
C GLY E 48 1.06 -5.36 -17.77
N SER E 49 1.03 -5.98 -16.60
CA SER E 49 2.14 -6.79 -16.11
C SER E 49 1.60 -7.75 -15.07
N PHE E 50 2.35 -8.80 -14.77
CA PHE E 50 1.95 -9.69 -13.69
C PHE E 50 2.53 -9.20 -12.37
N ASN E 51 3.54 -8.35 -12.48
CA ASN E 51 4.14 -7.59 -11.39
C ASN E 51 4.58 -6.21 -11.86
N GLU E 52 4.03 -5.17 -11.26
CA GLU E 52 4.31 -3.81 -11.71
C GLU E 52 5.77 -3.39 -11.48
N ILE E 53 6.44 -4.00 -10.51
CA ILE E 53 7.87 -3.75 -10.30
C ILE E 53 8.70 -4.39 -11.41
N VAL E 54 8.30 -5.58 -11.86
CA VAL E 54 8.99 -6.24 -12.97
C VAL E 54 8.61 -5.64 -14.32
N GLY E 55 7.32 -5.33 -14.49
CA GLY E 55 6.84 -4.76 -15.73
C GLY E 55 6.57 -5.78 -16.81
N CYS E 56 6.30 -5.31 -18.03
CA CYS E 56 5.78 -6.17 -19.09
C CYS E 56 6.82 -7.00 -19.83
N CYS E 57 8.08 -6.58 -19.81
CA CYS E 57 9.18 -7.47 -20.18
C CYS E 57 10.51 -6.93 -19.65
N TYR E 58 10.97 -7.47 -18.53
CA TYR E 58 12.07 -6.85 -17.79
C TYR E 58 13.40 -7.00 -18.55
N GLY E 59 13.63 -8.17 -19.12
CA GLY E 59 14.85 -8.43 -19.88
C GLY E 59 15.00 -7.45 -21.03
N TYR E 60 13.89 -7.11 -21.66
CA TYR E 60 13.89 -6.15 -22.75
C TYR E 60 14.26 -4.76 -22.24
N GLN E 61 13.71 -4.40 -21.09
CA GLN E 61 14.08 -3.12 -20.49
C GLN E 61 15.58 -3.05 -20.26
N MET E 62 16.15 -4.08 -19.66
CA MET E 62 17.57 -4.01 -19.31
C MET E 62 18.42 -3.97 -20.59
N CYS E 63 18.00 -4.76 -21.59
CA CYS E 63 18.70 -4.76 -22.88
C CYS E 63 18.67 -3.36 -23.49
N MET E 64 17.50 -2.73 -23.48
CA MET E 64 17.37 -1.39 -24.07
C MET E 64 18.18 -0.36 -23.30
N ILE E 65 18.22 -0.47 -21.98
CA ILE E 65 19.03 0.45 -21.18
C ILE E 65 20.50 0.35 -21.58
N ARG E 66 20.98 -0.87 -21.77
CA ARG E 66 22.37 -1.06 -22.19
C ARG E 66 22.66 -0.64 -23.64
N VAL E 67 21.74 -0.95 -24.55
CA VAL E 67 21.98 -0.81 -25.98
C VAL E 67 21.53 0.54 -26.58
N VAL E 68 20.44 1.11 -26.09
CA VAL E 68 19.94 2.36 -26.67
C VAL E 68 20.93 3.51 -26.47
N LYS E 69 21.32 4.13 -27.59
CA LYS E 69 22.14 5.32 -27.57
C LYS E 69 21.41 6.37 -28.40
N PRO E 70 21.72 7.66 -28.21
CA PRO E 70 21.03 8.69 -28.98
C PRO E 70 21.05 8.44 -30.50
N ASN E 71 19.89 8.59 -31.13
CA ASN E 71 19.69 8.48 -32.59
C ASN E 71 19.89 7.09 -33.20
N SER E 72 20.06 6.08 -32.37
CA SER E 72 20.18 4.70 -32.83
C SER E 72 19.03 3.77 -32.41
N LEU E 73 17.88 4.33 -32.07
CA LEU E 73 16.75 3.56 -31.54
C LEU E 73 16.39 2.30 -32.33
N SER E 74 16.25 2.42 -33.65
CA SER E 74 15.70 1.31 -34.44
C SER E 74 16.58 0.07 -34.35
N GLY E 75 17.89 0.25 -34.39
CA GLY E 75 18.82 -0.85 -34.25
C GLY E 75 18.76 -1.49 -32.87
N ALA E 76 18.62 -0.64 -31.85
CA ALA E 76 18.55 -1.12 -30.48
C ALA E 76 17.29 -1.96 -30.27
N HIS E 77 16.16 -1.45 -30.76
CA HIS E 77 14.91 -2.17 -30.65
C HIS E 77 14.98 -3.50 -31.40
N GLU E 78 15.56 -3.48 -32.60
CA GLU E 78 15.72 -4.72 -33.36
C GLU E 78 16.57 -5.74 -32.62
N ALA E 79 17.63 -5.26 -31.97
CA ALA E 79 18.52 -6.14 -31.23
C ALA E 79 17.85 -6.73 -29.99
N CYS E 80 17.09 -5.90 -29.29
CA CYS E 80 16.56 -6.28 -27.98
C CYS E 80 15.18 -6.93 -27.97
N LYS E 81 14.41 -6.77 -29.04
CA LYS E 81 12.99 -7.13 -28.95
C LYS E 81 12.75 -8.64 -28.78
N THR E 82 13.74 -9.46 -29.12
CA THR E 82 13.60 -10.91 -28.96
C THR E 82 14.28 -11.49 -27.72
N VAL E 83 14.93 -10.65 -26.91
CA VAL E 83 15.65 -11.17 -25.74
C VAL E 83 14.67 -11.75 -24.71
N SER E 84 15.17 -12.65 -23.88
CA SER E 84 14.36 -13.26 -22.84
C SER E 84 13.87 -12.23 -21.83
N CYS E 85 12.60 -12.28 -21.49
CA CYS E 85 12.03 -11.30 -20.57
C CYS E 85 12.44 -11.56 -19.13
N GLY E 86 12.76 -12.81 -18.82
CA GLY E 86 13.06 -13.21 -17.46
C GLY E 86 11.81 -13.60 -16.70
N ASN E 87 11.92 -13.66 -15.38
CA ASN E 87 10.80 -14.04 -14.54
C ASN E 87 9.82 -12.88 -14.42
N PRO E 88 8.57 -13.09 -14.87
CA PRO E 88 7.54 -12.05 -14.79
C PRO E 88 7.03 -11.84 -13.37
N CYS E 89 7.34 -12.79 -12.49
CA CYS E 89 6.81 -12.79 -11.13
C CYS E 89 7.75 -12.11 -10.12
N ALA E 90 7.20 -11.67 -8.99
CA ALA E 90 7.97 -11.05 -7.92
C ALA E 90 8.39 -12.09 -6.89
N GLY F 6 12.29 -20.44 -12.63
CA GLY F 6 11.62 -20.85 -13.85
C GLY F 6 12.48 -20.66 -15.08
N PRO F 7 11.88 -20.80 -16.27
CA PRO F 7 12.62 -20.66 -17.53
C PRO F 7 12.98 -19.20 -17.80
N ALA F 8 13.67 -18.95 -18.91
CA ALA F 8 14.15 -17.61 -19.22
C ALA F 8 13.10 -16.66 -19.81
N ASP F 9 12.07 -17.18 -20.47
CA ASP F 9 11.10 -16.33 -21.13
C ASP F 9 9.71 -16.95 -21.15
N CYS F 10 8.70 -16.19 -20.74
CA CYS F 10 7.35 -16.74 -20.61
C CYS F 10 6.70 -17.07 -21.95
N CYS F 11 6.97 -16.27 -22.96
CA CYS F 11 6.42 -16.54 -24.28
C CYS F 11 7.03 -17.79 -24.91
N ARG F 12 8.35 -17.91 -24.82
CA ARG F 12 9.04 -19.10 -25.29
C ARG F 12 8.52 -20.32 -24.53
N MET F 13 8.25 -20.12 -23.24
CA MET F 13 7.66 -21.17 -22.41
C MET F 13 6.32 -21.61 -22.98
N LYS F 14 5.50 -20.64 -23.38
CA LYS F 14 4.19 -20.96 -23.97
C LYS F 14 4.32 -21.75 -25.27
N GLU F 15 5.21 -21.30 -26.14
CA GLU F 15 5.40 -21.92 -27.45
C GLU F 15 5.87 -23.36 -27.28
N CYS F 16 6.82 -23.54 -26.37
CA CYS F 16 7.31 -24.86 -26.00
C CYS F 16 6.16 -25.71 -25.47
N CYS F 17 5.36 -25.11 -24.61
CA CYS F 17 4.29 -25.82 -23.93
C CYS F 17 3.31 -26.41 -24.93
N THR F 18 2.81 -25.57 -25.83
CA THR F 18 1.80 -26.05 -26.78
C THR F 18 2.41 -27.04 -27.78
N ASP F 19 3.63 -26.77 -28.26
CA ASP F 19 4.28 -27.76 -29.12
C ASP F 19 4.41 -29.13 -28.46
N ARG F 20 4.90 -29.14 -27.23
CA ARG F 20 5.16 -30.38 -26.52
C ARG F 20 3.87 -31.13 -26.17
N VAL F 21 2.84 -30.40 -25.78
CA VAL F 21 1.56 -31.06 -25.50
C VAL F 21 1.03 -31.69 -26.79
N ASN F 22 1.12 -30.96 -27.90
CA ASN F 22 0.66 -31.50 -29.18
C ASN F 22 1.38 -32.80 -29.56
N GLU F 23 2.71 -32.74 -29.54
CA GLU F 23 3.51 -33.90 -29.90
C GLU F 23 3.26 -35.07 -28.94
N CYS F 24 3.10 -34.78 -27.65
CA CYS F 24 2.82 -35.80 -26.64
C CYS F 24 1.50 -36.49 -26.93
N LEU F 25 0.48 -35.69 -27.22
CA LEU F 25 -0.84 -36.23 -27.50
C LEU F 25 -0.85 -37.04 -28.79
N GLN F 26 0.07 -36.72 -29.71
CA GLN F 26 0.19 -37.54 -30.91
C GLN F 26 0.65 -38.98 -30.61
N ARG F 27 1.22 -39.21 -29.43
CA ARG F 27 1.63 -40.57 -29.07
C ARG F 27 0.44 -41.38 -28.57
N TYR F 28 -0.62 -40.68 -28.16
CA TYR F 28 -1.80 -41.32 -27.58
C TYR F 28 -3.02 -41.35 -28.50
N SER F 29 -2.76 -41.46 -29.80
CA SER F 29 -3.79 -41.42 -30.82
C SER F 29 -4.97 -42.34 -30.48
N GLY F 30 -6.17 -41.82 -30.64
CA GLY F 30 -7.38 -42.54 -30.31
C GLY F 30 -7.90 -42.35 -28.89
N ARG F 31 -7.02 -41.96 -27.97
CA ARG F 31 -7.44 -41.65 -26.59
C ARG F 31 -7.01 -40.27 -26.05
N GLU F 32 -6.69 -39.35 -26.95
CA GLU F 32 -6.03 -38.07 -26.60
C GLU F 32 -6.65 -37.28 -25.42
N ASP F 33 -7.97 -37.32 -25.35
CA ASP F 33 -8.70 -36.58 -24.32
C ASP F 33 -8.31 -37.05 -22.92
N LYS F 34 -7.96 -38.33 -22.82
CA LYS F 34 -7.60 -38.91 -21.54
C LYS F 34 -6.18 -38.56 -21.13
N PHE F 35 -5.38 -38.13 -22.10
CA PHE F 35 -3.98 -37.82 -21.84
C PHE F 35 -3.62 -36.34 -21.86
N VAL F 36 -4.61 -35.46 -22.05
CA VAL F 36 -4.29 -34.03 -22.05
C VAL F 36 -3.53 -33.60 -20.78
N SER F 37 -4.05 -33.91 -19.59
CA SER F 37 -3.38 -33.51 -18.34
C SER F 37 -1.99 -34.12 -18.18
N PHE F 38 -1.84 -35.40 -18.54
CA PHE F 38 -0.54 -36.08 -18.46
C PHE F 38 0.48 -35.36 -19.33
N CYS F 39 0.07 -35.06 -20.55
CA CYS F 39 0.96 -34.43 -21.53
C CYS F 39 1.28 -32.99 -21.12
N TYR F 40 0.33 -32.35 -20.44
CA TYR F 40 0.54 -30.99 -19.95
C TYR F 40 1.58 -31.01 -18.83
N GLN F 41 1.52 -32.06 -18.02
CA GLN F 41 2.48 -32.25 -16.93
C GLN F 41 3.88 -32.48 -17.50
N GLU F 42 3.93 -33.29 -18.55
CA GLU F 42 5.18 -33.60 -19.24
C GLU F 42 5.78 -32.33 -19.81
N ALA F 43 4.91 -31.55 -20.43
CA ALA F 43 5.33 -30.31 -21.07
C ALA F 43 5.80 -29.31 -20.04
N THR F 44 5.14 -29.29 -18.87
CA THR F 44 5.51 -28.37 -17.81
C THR F 44 6.89 -28.71 -17.27
N VAL F 45 7.18 -30.01 -17.18
CA VAL F 45 8.50 -30.39 -16.69
C VAL F 45 9.59 -30.04 -17.71
N THR F 46 9.31 -30.28 -19.00
CA THR F 46 10.35 -30.07 -20.03
C THR F 46 10.55 -28.59 -20.40
N CYS F 47 9.45 -27.85 -20.50
CA CYS F 47 9.51 -26.43 -20.90
C CYS F 47 9.74 -25.53 -19.70
N GLY F 48 9.49 -26.06 -18.51
CA GLY F 48 9.56 -25.28 -17.29
C GLY F 48 8.30 -24.50 -16.98
N SER F 49 8.27 -23.89 -15.80
CA SER F 49 7.17 -23.02 -15.38
C SER F 49 7.66 -22.08 -14.29
N PHE F 50 6.94 -20.98 -14.11
CA PHE F 50 7.21 -20.05 -13.02
C PHE F 50 6.41 -20.42 -11.78
N ASN F 51 5.37 -21.20 -11.99
CA ASN F 51 4.62 -21.81 -10.90
C ASN F 51 4.25 -23.21 -11.38
N GLU F 52 4.76 -24.22 -10.68
CA GLU F 52 4.62 -25.60 -11.14
C GLU F 52 3.18 -26.10 -11.06
N ILE F 53 2.38 -25.47 -10.21
CA ILE F 53 0.96 -25.81 -10.11
C ILE F 53 0.20 -25.29 -11.33
N VAL F 54 0.57 -24.10 -11.78
CA VAL F 54 -0.02 -23.47 -12.96
C VAL F 54 0.48 -24.08 -14.26
N GLY F 55 1.78 -24.37 -14.30
CA GLY F 55 2.38 -24.97 -15.47
C GLY F 55 2.76 -24.00 -16.57
N CYS F 56 3.11 -24.53 -17.73
CA CYS F 56 3.70 -23.73 -18.80
C CYS F 56 2.68 -22.94 -19.63
N CYS F 57 1.42 -23.38 -19.69
CA CYS F 57 0.34 -22.52 -20.16
C CYS F 57 -1.02 -23.05 -19.73
N TYR F 58 -1.60 -22.49 -18.67
CA TYR F 58 -2.76 -23.12 -18.04
C TYR F 58 -3.99 -23.01 -18.94
N GLY F 59 -4.15 -21.84 -19.56
CA GLY F 59 -5.26 -21.59 -20.46
C GLY F 59 -5.32 -22.60 -21.58
N TYR F 60 -4.15 -22.99 -22.08
CA TYR F 60 -4.08 -23.99 -23.13
C TYR F 60 -4.51 -25.38 -22.62
N GLN F 61 -4.07 -25.76 -21.42
CA GLN F 61 -4.50 -27.04 -20.86
C GLN F 61 -6.02 -27.07 -20.75
N MET F 62 -6.59 -26.00 -20.19
CA MET F 62 -8.05 -25.95 -20.03
C MET F 62 -8.78 -25.97 -21.36
N CYS F 63 -8.25 -25.25 -22.34
CA CYS F 63 -8.84 -25.22 -23.67
C CYS F 63 -8.84 -26.63 -24.27
N MET F 64 -7.71 -27.33 -24.16
CA MET F 64 -7.61 -28.66 -24.73
C MET F 64 -8.52 -29.66 -24.00
N ILE F 65 -8.64 -29.54 -22.69
CA ILE F 65 -9.57 -30.39 -21.96
C ILE F 65 -11.00 -30.14 -22.45
N ARG F 66 -11.34 -28.88 -22.70
CA ARG F 66 -12.66 -28.55 -23.23
C ARG F 66 -12.90 -29.11 -24.63
N VAL F 67 -11.91 -28.98 -25.51
CA VAL F 67 -12.10 -29.24 -26.94
C VAL F 67 -11.71 -30.63 -27.46
N VAL F 68 -10.64 -31.21 -26.92
CA VAL F 68 -10.09 -32.46 -27.47
C VAL F 68 -11.05 -33.64 -27.42
N LYS F 69 -11.24 -34.26 -28.57
CA LYS F 69 -12.02 -35.50 -28.67
C LYS F 69 -11.14 -36.57 -29.30
N PRO F 70 -11.46 -37.86 -29.05
CA PRO F 70 -10.67 -38.95 -29.62
C PRO F 70 -10.51 -38.85 -31.14
N ASN F 71 -9.28 -39.00 -31.63
CA ASN F 71 -8.94 -38.95 -33.07
C ASN F 71 -9.19 -37.60 -33.75
N SER F 72 -9.48 -36.56 -32.96
CA SER F 72 -9.65 -35.21 -33.49
C SER F 72 -8.58 -34.19 -33.05
N LEU F 73 -7.41 -34.66 -32.61
CA LEU F 73 -6.39 -33.81 -32.01
C LEU F 73 -6.05 -32.49 -32.74
N SER F 74 -5.81 -32.58 -34.05
CA SER F 74 -5.27 -31.45 -34.80
C SER F 74 -6.18 -30.22 -34.77
N GLY F 75 -7.49 -30.43 -34.89
CA GLY F 75 -8.43 -29.32 -34.84
C GLY F 75 -8.42 -28.65 -33.47
N ALA F 76 -8.35 -29.48 -32.43
CA ALA F 76 -8.34 -28.98 -31.07
C ALA F 76 -7.09 -28.15 -30.82
N HIS F 77 -5.94 -28.69 -31.20
CA HIS F 77 -4.68 -27.97 -31.02
C HIS F 77 -4.65 -26.67 -31.81
N GLU F 78 -5.14 -26.69 -33.05
CA GLU F 78 -5.12 -25.48 -33.86
C GLU F 78 -6.02 -24.42 -33.23
N ALA F 79 -7.14 -24.84 -32.67
CA ALA F 79 -8.04 -23.91 -32.01
C ALA F 79 -7.43 -23.34 -30.72
N CYS F 80 -6.77 -24.19 -29.95
CA CYS F 80 -6.32 -23.83 -28.60
C CYS F 80 -4.93 -23.21 -28.49
N LYS F 81 -4.08 -23.40 -29.50
CA LYS F 81 -2.66 -23.04 -29.34
C LYS F 81 -2.44 -21.53 -29.18
N THR F 82 -3.40 -20.73 -29.61
CA THR F 82 -3.29 -19.27 -29.49
C THR F 82 -4.07 -18.67 -28.31
N VAL F 83 -4.76 -19.50 -27.54
CA VAL F 83 -5.57 -18.97 -26.44
C VAL F 83 -4.67 -18.35 -25.38
N SER F 84 -5.21 -17.41 -24.62
CA SER F 84 -4.47 -16.76 -23.55
C SER F 84 -4.09 -17.75 -22.46
N CYS F 85 -2.85 -17.71 -22.01
CA CYS F 85 -2.38 -18.65 -20.99
C CYS F 85 -2.89 -18.29 -19.60
N GLY F 86 -3.16 -17.02 -19.38
CA GLY F 86 -3.52 -16.55 -18.06
C GLY F 86 -2.27 -16.16 -17.29
N ASN F 87 -2.40 -16.03 -15.98
CA ASN F 87 -1.29 -15.63 -15.12
C ASN F 87 -0.32 -16.80 -14.87
N PRO F 88 0.95 -16.66 -15.30
CA PRO F 88 1.95 -17.71 -15.09
C PRO F 88 2.44 -17.82 -13.65
N CYS F 89 2.13 -16.82 -12.82
CA CYS F 89 2.64 -16.70 -11.47
C CYS F 89 1.76 -17.39 -10.44
N ALA F 90 0.45 -17.30 -10.62
CA ALA F 90 -0.50 -17.93 -9.71
C ALA F 90 -1.83 -18.23 -10.39
N GLY G 1 11.41 41.60 31.86
CA GLY G 1 10.43 40.68 31.31
C GLY G 1 10.46 39.34 32.02
N PRO G 2 9.71 38.36 31.50
CA PRO G 2 9.77 37.02 32.10
C PRO G 2 11.06 36.36 31.70
N GLY G 3 11.49 35.35 32.46
CA GLY G 3 12.67 34.59 32.11
C GLY G 3 12.56 33.99 30.71
N SER G 4 13.68 34.01 29.99
CA SER G 4 13.71 33.53 28.62
C SER G 4 14.11 32.07 28.52
N SER G 5 13.36 31.31 27.73
CA SER G 5 13.69 29.93 27.41
C SER G 5 14.56 29.87 26.15
N GLY G 6 14.90 31.04 25.63
CA GLY G 6 15.66 31.19 24.40
C GLY G 6 14.78 31.59 23.23
N PRO G 7 15.35 31.61 22.02
CA PRO G 7 14.56 31.95 20.83
C PRO G 7 13.43 30.95 20.67
N ALA G 8 12.34 31.35 20.01
CA ALA G 8 11.22 30.45 19.92
C ALA G 8 11.54 29.30 18.97
N ASP G 9 10.94 28.16 19.26
CA ASP G 9 11.17 26.94 18.51
C ASP G 9 9.87 26.16 18.50
N CYS G 10 9.43 25.77 17.31
CA CYS G 10 8.12 25.13 17.19
C CYS G 10 8.10 23.72 17.78
N CYS G 11 9.24 23.01 17.76
CA CYS G 11 9.27 21.69 18.42
C CYS G 11 9.15 21.82 19.94
N ARG G 12 9.93 22.71 20.54
CA ARG G 12 9.80 22.96 21.96
C ARG G 12 8.41 23.49 22.31
N MET G 13 7.89 24.35 21.43
CA MET G 13 6.55 24.89 21.63
C MET G 13 5.48 23.81 21.63
N LYS G 14 5.56 22.88 20.69
CA LYS G 14 4.59 21.78 20.61
C LYS G 14 4.67 20.93 21.87
N GLU G 15 5.91 20.62 22.26
CA GLU G 15 6.18 19.79 23.42
C GLU G 15 5.58 20.40 24.70
N CYS G 16 5.88 21.68 24.88
CA CYS G 16 5.34 22.46 25.97
C CYS G 16 3.82 22.45 25.93
N CYS G 17 3.28 22.66 24.73
CA CYS G 17 1.85 22.80 24.54
C CYS G 17 1.07 21.57 24.99
N THR G 18 1.45 20.42 24.46
CA THR G 18 0.73 19.19 24.77
C THR G 18 0.91 18.85 26.24
N ASP G 19 2.14 19.07 26.73
CA ASP G 19 2.40 18.84 28.15
C ASP G 19 1.50 19.67 29.07
N ARG G 20 1.40 20.96 28.77
CA ARG G 20 0.62 21.90 29.57
C ARG G 20 -0.87 21.64 29.48
N VAL G 21 -1.35 21.31 28.29
CA VAL G 21 -2.77 20.97 28.15
C VAL G 21 -3.09 19.75 29.00
N ASN G 22 -2.24 18.74 28.93
CA ASN G 22 -2.44 17.53 29.73
C ASN G 22 -2.47 17.82 31.23
N GLU G 23 -1.45 18.54 31.71
CA GLU G 23 -1.38 18.89 33.12
C GLU G 23 -2.59 19.70 33.55
N CYS G 24 -3.02 20.64 32.70
CA CYS G 24 -4.18 21.49 33.00
C CYS G 24 -5.44 20.64 33.12
N LEU G 25 -5.63 19.73 32.18
CA LEU G 25 -6.82 18.87 32.17
C LEU G 25 -6.84 17.93 33.37
N GLN G 26 -5.69 17.63 33.94
CA GLN G 26 -5.68 16.79 35.14
C GLN G 26 -6.37 17.47 36.34
N ARG G 27 -6.58 18.78 36.27
CA ARG G 27 -7.27 19.50 37.34
C ARG G 27 -8.79 19.34 37.27
N TYR G 28 -9.29 18.92 36.11
CA TYR G 28 -10.73 18.83 35.87
C TYR G 28 -11.29 17.41 35.79
N SER G 29 -10.74 16.49 36.58
CA SER G 29 -11.09 15.07 36.50
C SER G 29 -12.61 14.82 36.47
N GLY G 30 -13.03 14.02 35.51
CA GLY G 30 -14.44 13.71 35.35
C GLY G 30 -15.19 14.72 34.49
N ARG G 31 -14.64 15.92 34.37
CA ARG G 31 -15.23 16.97 33.54
C ARG G 31 -14.36 17.40 32.36
N GLU G 32 -13.33 16.62 32.06
CA GLU G 32 -12.26 17.02 31.13
C GLU G 32 -12.76 17.58 29.79
N ASP G 33 -13.84 17.03 29.27
CA ASP G 33 -14.36 17.44 27.96
C ASP G 33 -14.76 18.92 27.96
N LYS G 34 -15.16 19.44 29.11
CA LYS G 34 -15.60 20.83 29.22
C LYS G 34 -14.44 21.82 29.20
N PHE G 35 -13.25 21.33 29.51
CA PHE G 35 -12.09 22.21 29.71
C PHE G 35 -10.96 22.18 28.67
N VAL G 36 -11.13 21.41 27.61
CA VAL G 36 -10.07 21.27 26.60
C VAL G 36 -9.62 22.63 26.03
N SER G 37 -10.57 23.40 25.51
CA SER G 37 -10.25 24.69 24.91
C SER G 37 -9.64 25.66 25.92
N PHE G 38 -10.19 25.67 27.11
CA PHE G 38 -9.69 26.52 28.19
C PHE G 38 -8.25 26.16 28.54
N CYS G 39 -7.98 24.87 28.69
CA CYS G 39 -6.63 24.42 29.02
C CYS G 39 -5.69 24.70 27.86
N TYR G 40 -6.24 24.71 26.64
CA TYR G 40 -5.45 25.04 25.46
C TYR G 40 -5.07 26.51 25.51
N GLN G 41 -5.98 27.35 26.02
CA GLN G 41 -5.69 28.78 26.17
C GLN G 41 -4.58 28.95 27.20
N GLU G 42 -4.68 28.21 28.30
CA GLU G 42 -3.65 28.25 29.34
C GLU G 42 -2.30 27.82 28.78
N ALA G 43 -2.30 26.75 28.00
CA ALA G 43 -1.07 26.22 27.43
C ALA G 43 -0.49 27.23 26.44
N THR G 44 -1.36 27.88 25.68
CA THR G 44 -0.92 28.85 24.67
C THR G 44 -0.26 30.05 25.35
N VAL G 45 -0.81 30.45 26.50
CA VAL G 45 -0.25 31.56 27.27
C VAL G 45 1.08 31.16 27.88
N THR G 46 1.18 29.91 28.35
CA THR G 46 2.37 29.47 29.05
C THR G 46 3.54 29.19 28.11
N CYS G 47 3.24 28.53 27.01
CA CYS G 47 4.24 28.09 26.04
C CYS G 47 4.53 29.10 24.94
N GLY G 48 3.63 30.05 24.77
CA GLY G 48 3.72 30.99 23.67
C GLY G 48 3.08 30.45 22.40
N SER G 49 2.97 31.31 21.39
CA SER G 49 2.45 30.93 20.09
C SER G 49 2.95 31.91 19.04
N PHE G 50 2.90 31.50 17.77
CA PHE G 50 3.24 32.42 16.69
C PHE G 50 1.99 33.16 16.19
N ASN G 51 0.83 32.60 16.53
CA ASN G 51 -0.46 33.26 16.33
C ASN G 51 -1.34 32.89 17.53
N GLU G 52 -1.75 33.88 18.32
CA GLU G 52 -2.45 33.58 19.57
C GLU G 52 -3.84 32.98 19.37
N ILE G 53 -4.46 33.24 18.23
CA ILE G 53 -5.74 32.63 17.91
C ILE G 53 -5.54 31.14 17.56
N VAL G 54 -4.44 30.85 16.86
CA VAL G 54 -4.13 29.48 16.48
C VAL G 54 -3.61 28.69 17.68
N GLY G 55 -2.81 29.34 18.51
CA GLY G 55 -2.26 28.73 19.70
C GLY G 55 -1.02 27.88 19.48
N CYS G 56 -0.62 27.18 20.53
CA CYS G 56 0.69 26.51 20.54
C CYS G 56 0.72 25.17 19.81
N CYS G 57 -0.44 24.53 19.65
CA CYS G 57 -0.57 23.44 18.67
C CYS G 57 -2.04 23.17 18.33
N TYR G 58 -2.50 23.68 17.19
CA TYR G 58 -3.93 23.69 16.89
C TYR G 58 -4.49 22.29 16.62
N GLY G 59 -3.73 21.49 15.87
CA GLY G 59 -4.14 20.14 15.55
C GLY G 59 -4.36 19.32 16.80
N TYR G 60 -3.51 19.54 17.81
CA TYR G 60 -3.63 18.85 19.08
C TYR G 60 -4.89 19.28 19.83
N GLN G 61 -5.19 20.57 19.81
CA GLN G 61 -6.43 21.04 20.43
C GLN G 61 -7.63 20.35 19.81
N MET G 62 -7.68 20.34 18.48
CA MET G 62 -8.83 19.75 17.81
C MET G 62 -8.92 18.25 18.07
N CYS G 63 -7.77 17.58 18.08
CA CYS G 63 -7.73 16.16 18.38
C CYS G 63 -8.28 15.89 19.77
N MET G 64 -7.86 16.70 20.73
CA MET G 64 -8.31 16.53 22.10
C MET G 64 -9.80 16.82 22.24
N ILE G 65 -10.29 17.82 21.52
CA ILE G 65 -11.72 18.12 21.53
C ILE G 65 -12.50 16.91 21.04
N ARG G 66 -12.00 16.26 19.99
CA ARG G 66 -12.65 15.06 19.48
C ARG G 66 -12.56 13.83 20.41
N VAL G 67 -11.38 13.61 20.98
CA VAL G 67 -11.09 12.36 21.68
C VAL G 67 -11.39 12.44 23.18
N VAL G 68 -11.13 13.59 23.80
CA VAL G 68 -11.32 13.67 25.24
C VAL G 68 -12.80 13.49 25.61
N LYS G 69 -13.04 12.48 26.44
CA LYS G 69 -14.34 12.22 27.07
C LYS G 69 -14.09 12.16 28.56
N PRO G 70 -15.15 12.33 29.38
CA PRO G 70 -14.94 12.28 30.83
C PRO G 70 -14.18 11.05 31.29
N ASN G 71 -13.18 11.27 32.14
CA ASN G 71 -12.36 10.23 32.75
C ASN G 71 -11.45 9.44 31.80
N SER G 72 -11.33 9.91 30.56
CA SER G 72 -10.44 9.28 29.58
C SER G 72 -9.19 10.08 29.20
N LEU G 73 -8.82 11.06 30.02
CA LEU G 73 -7.75 11.99 29.67
C LEU G 73 -6.46 11.35 29.17
N SER G 74 -5.92 10.40 29.92
CA SER G 74 -4.59 9.87 29.62
C SER G 74 -4.54 9.16 28.26
N GLY G 75 -5.58 8.39 27.96
CA GLY G 75 -5.67 7.72 26.67
C GLY G 75 -5.81 8.72 25.53
N ALA G 76 -6.60 9.76 25.77
CA ALA G 76 -6.83 10.80 24.79
C ALA G 76 -5.53 11.53 24.47
N HIS G 77 -4.80 11.88 25.52
CA HIS G 77 -3.53 12.55 25.38
C HIS G 77 -2.51 11.69 24.65
N GLU G 78 -2.46 10.40 24.99
CA GLU G 78 -1.54 9.50 24.29
C GLU G 78 -1.90 9.42 22.81
N ALA G 79 -3.20 9.43 22.52
CA ALA G 79 -3.65 9.36 21.14
C ALA G 79 -3.28 10.62 20.36
N CYS G 80 -3.44 11.77 21.01
CA CYS G 80 -3.32 13.07 20.34
C CYS G 80 -1.94 13.75 20.34
N LYS G 81 -1.05 13.37 21.25
CA LYS G 81 0.14 14.20 21.48
C LYS G 81 1.12 14.29 20.31
N THR G 82 1.08 13.32 19.40
CA THR G 82 1.97 13.34 18.23
C THR G 82 1.30 13.83 16.95
N VAL G 83 0.02 14.22 17.03
CA VAL G 83 -0.73 14.63 15.86
C VAL G 83 -0.13 15.90 15.24
N SER G 84 -0.34 16.10 13.94
CA SER G 84 0.17 17.30 13.25
C SER G 84 -0.49 18.56 13.80
N CYS G 85 0.33 19.58 14.09
CA CYS G 85 -0.21 20.81 14.65
C CYS G 85 -0.92 21.64 13.59
N GLY G 86 -0.53 21.48 12.34
CA GLY G 86 -1.10 22.31 11.29
C GLY G 86 -0.33 23.60 11.12
N ASN G 87 -0.97 24.57 10.48
CA ASN G 87 -0.37 25.87 10.23
C ASN G 87 -0.32 26.72 11.50
N PRO G 88 0.90 27.02 11.98
CA PRO G 88 1.07 27.84 13.19
C PRO G 88 0.82 29.32 12.95
N CYS G 89 0.80 29.72 11.67
CA CYS G 89 0.74 31.13 11.29
C CYS G 89 -0.68 31.66 11.16
N ALA G 90 -1.59 30.81 10.72
CA ALA G 90 -2.99 31.21 10.56
C ALA G 90 -3.93 30.01 10.64
N SER H 5 -0.63 24.51 1.50
CA SER H 5 0.53 25.39 1.33
C SER H 5 1.73 24.85 2.10
N GLY H 6 1.80 25.18 3.39
CA GLY H 6 2.86 24.70 4.24
C GLY H 6 2.68 23.24 4.59
N PRO H 7 3.69 22.63 5.21
CA PRO H 7 3.59 21.21 5.57
C PRO H 7 2.60 21.03 6.74
N ALA H 8 2.39 19.79 7.15
CA ALA H 8 1.38 19.52 8.19
C ALA H 8 1.82 19.81 9.63
N ASP H 9 3.12 19.83 9.89
CA ASP H 9 3.59 20.02 11.26
C ASP H 9 4.94 20.73 11.30
N CYS H 10 5.06 21.77 12.12
CA CYS H 10 6.28 22.57 12.15
C CYS H 10 7.48 21.83 12.73
N CYS H 11 7.24 20.99 13.73
CA CYS H 11 8.32 20.22 14.32
C CYS H 11 8.83 19.18 13.32
N ARG H 12 7.89 18.52 12.65
CA ARG H 12 8.22 17.59 11.58
C ARG H 12 8.99 18.29 10.49
N MET H 13 8.59 19.53 10.21
CA MET H 13 9.29 20.35 9.23
C MET H 13 10.74 20.56 9.66
N LYS H 14 10.96 20.84 10.94
CA LYS H 14 12.32 21.05 11.46
C LYS H 14 13.18 19.79 11.32
N GLU H 15 12.63 18.65 11.71
CA GLU H 15 13.36 17.39 11.65
C GLU H 15 13.74 17.04 10.20
N CYS H 16 12.77 17.21 9.30
CA CYS H 16 13.02 17.03 7.88
C CYS H 16 14.13 17.97 7.42
N CYS H 17 14.04 19.21 7.86
CA CYS H 17 14.96 20.26 7.43
C CYS H 17 16.40 19.90 7.77
N THR H 18 16.63 19.57 9.03
CA THR H 18 17.99 19.26 9.47
C THR H 18 18.50 17.95 8.86
N ASP H 19 17.64 16.94 8.77
CA ASP H 19 18.04 15.70 8.08
C ASP H 19 18.47 15.95 6.63
N ARG H 20 17.66 16.71 5.90
CA ARG H 20 17.92 16.94 4.48
C ARG H 20 19.16 17.79 4.28
N VAL H 21 19.34 18.81 5.11
CA VAL H 21 20.55 19.63 5.00
C VAL H 21 21.79 18.78 5.28
N ASN H 22 21.73 17.96 6.33
CA ASN H 22 22.86 17.07 6.66
C ASN H 22 23.20 16.14 5.49
N GLU H 23 22.18 15.46 4.97
CA GLU H 23 22.38 14.53 3.86
C GLU H 23 22.96 15.26 2.65
N CYS H 24 22.44 16.44 2.38
CA CYS H 24 22.87 17.25 1.25
C CYS H 24 24.34 17.63 1.38
N LEU H 25 24.72 18.10 2.56
CA LEU H 25 26.09 18.52 2.81
C LEU H 25 27.07 17.36 2.78
N GLN H 26 26.58 16.15 3.06
CA GLN H 26 27.43 14.96 2.92
C GLN H 26 27.86 14.71 1.46
N ARG H 27 27.15 15.29 0.50
CA ARG H 27 27.53 15.17 -0.90
C ARG H 27 28.64 16.15 -1.28
N TYR H 28 28.85 17.17 -0.45
CA TYR H 28 29.83 18.23 -0.71
C TYR H 28 31.10 18.17 0.13
N SER H 29 31.57 16.96 0.37
CA SER H 29 32.74 16.73 1.23
C SER H 29 33.89 17.66 0.89
N GLY H 30 34.45 18.30 1.91
CA GLY H 30 35.56 19.22 1.74
C GLY H 30 35.23 20.68 1.48
N ARG H 31 34.03 20.96 0.99
CA ARG H 31 33.60 22.35 0.81
C ARG H 31 32.26 22.71 1.47
N GLU H 32 31.85 21.93 2.47
CA GLU H 32 30.50 22.00 3.05
C GLU H 32 30.00 23.42 3.40
N ASP H 33 30.93 24.25 3.90
CA ASP H 33 30.60 25.59 4.32
C ASP H 33 30.06 26.41 3.16
N LYS H 34 30.53 26.12 1.96
CA LYS H 34 30.10 26.87 0.79
C LYS H 34 28.72 26.44 0.34
N PHE H 35 28.28 25.26 0.79
CA PHE H 35 27.00 24.71 0.36
C PHE H 35 25.89 24.71 1.41
N VAL H 36 26.16 25.25 2.60
CA VAL H 36 25.11 25.29 3.63
C VAL H 36 23.79 25.94 3.15
N SER H 37 23.86 27.17 2.66
CA SER H 37 22.66 27.91 2.22
C SER H 37 21.94 27.20 1.07
N PHE H 38 22.75 26.67 0.17
CA PHE H 38 22.30 25.94 -0.98
C PHE H 38 21.44 24.71 -0.59
N CYS H 39 22.00 23.95 0.34
CA CYS H 39 21.34 22.74 0.83
C CYS H 39 20.11 23.11 1.64
N TYR H 40 20.18 24.27 2.28
CA TYR H 40 19.06 24.74 3.08
C TYR H 40 17.89 25.10 2.18
N GLN H 41 18.19 25.68 1.01
CA GLN H 41 17.14 26.02 0.07
C GLN H 41 16.49 24.75 -0.48
N GLU H 42 17.31 23.74 -0.79
CA GLU H 42 16.72 22.48 -1.30
C GLU H 42 15.80 21.90 -0.20
N ALA H 43 16.29 21.94 1.03
CA ALA H 43 15.54 21.38 2.15
C ALA H 43 14.23 22.13 2.37
N THR H 44 14.26 23.45 2.14
CA THR H 44 13.07 24.27 2.28
C THR H 44 12.06 23.88 1.21
N VAL H 45 12.53 23.56 0.01
CA VAL H 45 11.61 23.16 -1.05
C VAL H 45 10.98 21.78 -0.79
N THR H 46 11.80 20.81 -0.37
CA THR H 46 11.34 19.44 -0.21
C THR H 46 10.55 19.21 1.08
N CYS H 47 10.99 19.80 2.18
CA CYS H 47 10.32 19.62 3.47
C CYS H 47 9.16 20.58 3.58
N GLY H 48 9.17 21.61 2.73
CA GLY H 48 8.19 22.67 2.80
C GLY H 48 8.55 23.73 3.83
N SER H 49 7.77 24.80 3.85
CA SER H 49 7.94 25.86 4.82
C SER H 49 6.62 26.62 4.95
N PHE H 50 6.45 27.34 6.05
CA PHE H 50 5.28 28.20 6.20
C PHE H 50 5.56 29.60 5.68
N ASN H 51 6.84 29.96 5.62
CA ASN H 51 7.25 31.19 4.95
C ASN H 51 8.60 30.88 4.31
N GLU H 52 8.67 30.92 2.99
CA GLU H 52 9.89 30.48 2.31
C GLU H 52 11.04 31.45 2.54
N ILE H 53 10.72 32.66 3.01
CA ILE H 53 11.76 33.64 3.31
C ILE H 53 12.62 33.16 4.48
N VAL H 54 11.97 32.60 5.51
CA VAL H 54 12.68 32.00 6.63
C VAL H 54 13.07 30.54 6.37
N GLY H 55 12.21 29.80 5.68
CA GLY H 55 12.50 28.40 5.38
C GLY H 55 12.14 27.43 6.48
N CYS H 56 12.62 26.19 6.37
CA CYS H 56 12.16 25.11 7.22
C CYS H 56 12.77 25.09 8.63
N CYS H 57 13.95 25.71 8.82
CA CYS H 57 14.43 26.04 10.16
C CYS H 57 15.53 27.09 10.09
N TYR H 58 15.19 28.35 10.33
CA TYR H 58 16.13 29.43 10.00
C TYR H 58 17.32 29.43 10.98
N GLY H 59 17.01 29.19 12.25
CA GLY H 59 18.03 29.14 13.28
C GLY H 59 19.10 28.10 12.97
N TYR H 60 18.67 26.98 12.40
CA TYR H 60 19.61 25.94 12.01
C TYR H 60 20.50 26.39 10.86
N GLN H 61 19.94 27.07 9.86
CA GLN H 61 20.76 27.61 8.77
C GLN H 61 21.82 28.55 9.33
N MET H 62 21.40 29.47 10.21
CA MET H 62 22.33 30.43 10.79
C MET H 62 23.42 29.76 11.62
N CYS H 63 23.02 28.75 12.39
CA CYS H 63 23.96 28.00 13.21
C CYS H 63 24.99 27.30 12.33
N MET H 64 24.53 26.65 11.27
CA MET H 64 25.41 25.92 10.38
C MET H 64 26.36 26.87 9.65
N ILE H 65 25.86 28.02 9.22
CA ILE H 65 26.73 29.02 8.59
C ILE H 65 27.82 29.47 9.57
N ARG H 66 27.45 29.64 10.83
CA ARG H 66 28.42 30.04 11.84
C ARG H 66 29.47 28.96 12.09
N VAL H 67 29.03 27.71 12.18
CA VAL H 67 29.85 26.61 12.68
C VAL H 67 30.57 25.74 11.62
N VAL H 68 29.91 25.48 10.49
CA VAL H 68 30.44 24.52 9.51
C VAL H 68 31.78 24.92 8.92
N LYS H 69 32.74 24.00 9.01
CA LYS H 69 34.05 24.15 8.39
C LYS H 69 34.30 22.96 7.46
N PRO H 70 35.18 23.13 6.46
CA PRO H 70 35.48 22.02 5.53
C PRO H 70 35.87 20.74 6.27
N ASN H 71 35.29 19.61 5.86
CA ASN H 71 35.58 18.29 6.44
C ASN H 71 35.16 18.13 7.90
N SER H 72 34.43 19.10 8.44
CA SER H 72 33.92 19.05 9.81
C SER H 72 32.39 18.94 9.96
N LEU H 73 31.69 18.50 8.92
CA LEU H 73 30.22 18.51 8.90
C LEU H 73 29.55 17.90 10.14
N SER H 74 30.01 16.73 10.57
CA SER H 74 29.30 15.98 11.61
C SER H 74 29.19 16.71 12.95
N GLY H 75 30.27 17.36 13.39
CA GLY H 75 30.25 18.11 14.62
C GLY H 75 29.31 19.30 14.54
N ALA H 76 29.33 19.96 13.39
CA ALA H 76 28.49 21.13 13.16
C ALA H 76 27.02 20.74 13.19
N HIS H 77 26.66 19.69 12.44
CA HIS H 77 25.28 19.24 12.41
C HIS H 77 24.81 18.75 13.78
N GLU H 78 25.66 18.00 14.47
CA GLU H 78 25.28 17.51 15.80
C GLU H 78 25.04 18.66 16.77
N ALA H 79 25.87 19.69 16.67
CA ALA H 79 25.72 20.86 17.53
C ALA H 79 24.47 21.67 17.17
N CYS H 80 24.21 21.84 15.88
CA CYS H 80 23.18 22.78 15.42
C CYS H 80 21.77 22.21 15.28
N LYS H 81 21.65 20.89 15.19
CA LYS H 81 20.35 20.32 14.81
C LYS H 81 19.28 20.55 15.88
N THR H 82 19.70 20.86 17.10
CA THR H 82 18.77 21.13 18.19
C THR H 82 18.53 22.61 18.49
N VAL H 83 19.19 23.52 17.78
CA VAL H 83 19.04 24.94 18.06
C VAL H 83 17.61 25.40 17.73
N SER H 84 17.17 26.47 18.38
CA SER H 84 15.85 27.03 18.12
C SER H 84 15.74 27.55 16.70
N CYS H 85 14.65 27.21 16.01
CA CYS H 85 14.46 27.60 14.61
C CYS H 85 14.09 29.06 14.48
N GLY H 86 13.46 29.61 15.52
CA GLY H 86 12.92 30.96 15.44
C GLY H 86 11.50 30.92 14.93
N ASN H 87 11.01 32.08 14.49
CA ASN H 87 9.64 32.21 14.00
C ASN H 87 9.50 31.66 12.59
N PRO H 88 8.67 30.62 12.42
CA PRO H 88 8.47 30.00 11.10
C PRO H 88 7.62 30.85 10.14
N CYS H 89 6.92 31.84 10.68
CA CYS H 89 5.94 32.62 9.94
C CYS H 89 6.53 33.86 9.25
N ALA H 90 7.49 34.51 9.90
CA ALA H 90 8.12 35.69 9.33
C ALA H 90 9.51 35.93 9.88
#